data_3QDM
#
_entry.id   3QDM
#
_cell.length_a   56.012
_cell.length_b   69.745
_cell.length_c   227.103
_cell.angle_alpha   90.000
_cell.angle_beta   90.000
_cell.angle_gamma   90.000
#
_symmetry.space_group_name_H-M   'P 21 21 21'
#
loop_
_entity.id
_entity.type
_entity.pdbx_description
1 polymer 'HLA class I histocompatibility antigen, A-2 alpha chain'
2 polymer Beta-2-microglobulin
3 polymer 'MART-1(27-35) peptide'
4 polymer 'DMF4 alpha chain'
5 polymer 'DMF4 beta chain'
6 water water
#
loop_
_entity_poly.entity_id
_entity_poly.type
_entity_poly.pdbx_seq_one_letter_code
_entity_poly.pdbx_strand_id
1 'polypeptide(L)'
;GSHSMRYFFTSVSRPGRGEPRFIAVGYVDDTQFVRFDSDAASQRMEPRAPWIEQEGPEYWDGETRKVKAHSQTHRVDLGT
LRGYYNQSEAGSHTVQRMYGCDVGSDWRFLRGYHQYAYDGKDYIALKEDLRSWTAADMAAQTTKHKWEAAHVAEQLRAYL
EGTCVEWLRRYLENGKETLQRTDAPKTHMTHHAVSDHEATLRCWALSFYPAEITLTWQRDGEDQTQDTELVETRPAGDGT
FQKWAAVVVPSGQEQRYTCHVQHEGLPKPLTLRWE
;
A
2 'polypeptide(L)'
;MIQRTPKIQVYSRHPAENGKSNFLNCYVSGFHPSDIEVDLLKNGERIEKVEHSDLSFSKDWSFYLLYYTEFTPTEKDEYA
CRVNHVTLSQPKIVKWDRDM
;
B
3 'polypeptide(L)' ELAGIGILTV C
4 'polypeptide(L)'
;QLNQSPQSMFIQEGEDVSMNCTSSSIFNTWLWYKQDPGEGPVLLIALYKAGELTSNGRLTAQFGITRKDSFLNISASIPS
DVGIYFCAGGTGNQFYFGTGTSLTVIPNIQNPDPAVYQLRDSKSSDKSVCLFTDFDSQTNVSQSKDSDVYITDKCVLDMR
SMDFKSNSAVAWSNKSDFACANAFNNSIIPEDTFF
;
D
5 'polypeptide(L)'
;AGITQSPRHKVTETGTPVTLRCHQTENHRYMYWYRQDPGHGLRLIHYSYGVKDTDKGEVSDGYSVSRSKTEDFLLTLESA
TSSQTSVYFCAISEVGVGQPQHFGDGTRLSILEDLNKVFPPEVAVFEPSEAEISHTQKATLVCLATGFYPDHVELSWWVN
GKEVHSGVCTDPQPLKEQPALNDSRYALSSRLRVSATFWQDPRNHFRCQVQFYGLSENDEWTQDRAKPVTQIVSAEAWGR
AD
;
E
#
# COMPACT_ATOMS: atom_id res chain seq x y z
N GLY A 1 25.80 -15.18 23.08
CA GLY A 1 24.54 -15.78 22.52
C GLY A 1 24.03 -15.13 21.24
N SER A 2 23.47 -15.95 20.37
CA SER A 2 22.78 -15.49 19.17
C SER A 2 21.41 -14.94 19.58
N HIS A 3 20.81 -14.04 18.79
CA HIS A 3 19.48 -13.50 19.12
C HIS A 3 18.46 -13.55 17.97
N SER A 4 17.19 -13.32 18.27
CA SER A 4 16.13 -13.48 17.27
C SER A 4 14.89 -12.62 17.53
N MET A 5 14.29 -12.08 16.47
CA MET A 5 12.99 -11.44 16.59
C MET A 5 11.98 -12.19 15.72
N ARG A 6 10.86 -12.64 16.29
CA ARG A 6 9.84 -13.36 15.49
C ARG A 6 8.44 -12.84 15.71
N TYR A 7 7.60 -12.96 14.70
CA TYR A 7 6.17 -12.68 14.85
C TYR A 7 5.33 -13.88 14.48
N PHE A 8 4.25 -14.13 15.21
CA PHE A 8 3.42 -15.31 15.02
C PHE A 8 1.98 -14.84 14.83
N PHE A 9 1.27 -15.32 13.82
CA PHE A 9 -0.10 -14.83 13.52
C PHE A 9 -1.06 -15.99 13.38
N THR A 10 -2.24 -15.91 13.99
CA THR A 10 -3.15 -17.03 13.93
C THR A 10 -4.52 -16.54 13.51
N SER A 11 -5.02 -17.04 12.39
CA SER A 11 -6.38 -16.68 12.00
C SER A 11 -7.33 -17.86 12.01
N VAL A 12 -8.48 -17.72 12.65
CA VAL A 12 -9.40 -18.85 12.71
C VAL A 12 -10.78 -18.43 12.27
N SER A 13 -11.28 -19.03 11.19
CA SER A 13 -12.62 -18.74 10.71
C SER A 13 -13.67 -19.37 11.62
N ARG A 14 -14.61 -18.56 12.10
CA ARG A 14 -15.72 -19.09 12.90
C ARG A 14 -17.03 -18.81 12.20
N PRO A 15 -17.47 -19.78 11.38
CA PRO A 15 -18.55 -19.69 10.41
C PRO A 15 -19.92 -19.58 11.07
N GLY A 16 -20.53 -18.40 10.96
CA GLY A 16 -21.82 -18.16 11.56
C GLY A 16 -21.76 -17.56 12.96
N ARG A 17 -20.55 -17.39 13.48
CA ARG A 17 -20.40 -16.65 14.73
C ARG A 17 -19.61 -15.39 14.41
N GLY A 18 -19.65 -14.99 13.15
CA GLY A 18 -19.11 -13.70 12.72
C GLY A 18 -17.76 -13.78 12.06
N GLU A 19 -16.94 -12.76 12.29
CA GLU A 19 -15.65 -12.61 11.63
C GLU A 19 -14.58 -13.50 12.26
N PRO A 20 -13.50 -13.82 11.52
CA PRO A 20 -12.37 -14.59 12.06
C PRO A 20 -11.65 -14.09 13.33
N ARG A 21 -11.18 -15.03 14.13
CA ARG A 21 -10.35 -14.73 15.28
C ARG A 21 -8.96 -14.41 14.79
N PHE A 22 -8.40 -13.29 15.25
CA PHE A 22 -7.04 -12.95 14.86
C PHE A 22 -6.21 -12.61 16.10
N ILE A 23 -5.10 -13.32 16.29
CA ILE A 23 -4.20 -13.06 17.41
C ILE A 23 -2.81 -12.97 16.83
N ALA A 24 -2.05 -11.97 17.23
CA ALA A 24 -0.71 -11.76 16.74
C ALA A 24 0.20 -11.54 17.94
N VAL A 25 1.34 -12.22 17.99
CA VAL A 25 2.24 -12.04 19.10
C VAL A 25 3.64 -11.81 18.55
N GLY A 26 4.44 -11.05 19.28
CA GLY A 26 5.82 -10.84 18.87
C GLY A 26 6.76 -11.14 20.01
N TYR A 27 7.92 -11.68 19.64
CA TYR A 27 8.93 -12.14 20.58
C TYR A 27 10.30 -11.61 20.24
N VAL A 28 11.04 -11.19 21.25
CA VAL A 28 12.48 -11.12 21.09
C VAL A 28 13.01 -12.22 21.99
N ASP A 29 13.70 -13.16 21.38
CA ASP A 29 14.13 -14.39 21.99
C ASP A 29 13.02 -15.18 22.67
N ASP A 30 13.11 -15.34 23.97
CA ASP A 30 12.03 -16.06 24.63
C ASP A 30 11.16 -15.11 25.45
N THR A 31 11.22 -13.83 25.12
CA THR A 31 10.44 -12.82 25.83
C THR A 31 9.45 -12.19 24.87
N GLN A 32 8.17 -12.30 25.19
CA GLN A 32 7.10 -11.73 24.39
C GLN A 32 7.02 -10.23 24.66
N PHE A 33 6.90 -9.42 23.61
CA PHE A 33 6.86 -7.99 23.84
C PHE A 33 5.58 -7.31 23.37
N VAL A 34 4.93 -7.89 22.37
CA VAL A 34 3.68 -7.34 21.89
C VAL A 34 2.62 -8.39 21.70
N ARG A 35 1.36 -8.00 21.88
CA ARG A 35 0.25 -8.76 21.37
C ARG A 35 -0.76 -7.90 20.62
N PHE A 36 -1.52 -8.56 19.75
CA PHE A 36 -2.77 -8.02 19.25
C PHE A 36 -3.74 -9.18 19.33
N ASP A 37 -4.98 -8.91 19.74
CA ASP A 37 -6.01 -9.95 19.88
C ASP A 37 -7.29 -9.31 19.37
N SER A 38 -7.91 -9.91 18.34
CA SER A 38 -9.12 -9.35 17.72
C SER A 38 -10.36 -9.36 18.60
N ASP A 39 -10.34 -10.11 19.69
CA ASP A 39 -11.43 -10.10 20.67
C ASP A 39 -11.22 -9.11 21.81
N ALA A 40 -9.97 -8.65 21.98
CA ALA A 40 -9.67 -7.69 23.04
C ALA A 40 -10.29 -6.31 22.76
N ALA A 41 -10.71 -5.63 23.81
CA ALA A 41 -11.53 -4.43 23.72
C ALA A 41 -10.82 -3.20 23.13
N SER A 42 -9.50 -3.21 23.15
CA SER A 42 -8.71 -2.07 22.70
C SER A 42 -8.69 -1.89 21.18
N GLN A 43 -8.59 -3.00 20.44
CA GLN A 43 -8.30 -3.02 18.99
C GLN A 43 -6.98 -2.31 18.64
N ARG A 44 -6.00 -2.42 19.55
CA ARG A 44 -4.70 -1.77 19.43
C ARG A 44 -3.66 -2.83 19.63
N MET A 45 -2.48 -2.61 19.06
CA MET A 45 -1.32 -3.44 19.37
C MET A 45 -0.86 -3.04 20.78
N GLU A 46 -0.73 -4.01 21.68
CA GLU A 46 -0.49 -3.70 23.09
C GLU A 46 0.91 -4.13 23.49
N PRO A 47 1.54 -3.41 24.44
CA PRO A 47 2.81 -3.82 25.06
C PRO A 47 2.65 -5.04 25.97
N ARG A 48 3.72 -5.82 26.10
CA ARG A 48 3.70 -7.03 26.93
C ARG A 48 5.06 -7.23 27.58
N ALA A 49 5.90 -6.22 27.50
CA ALA A 49 7.21 -6.21 28.14
C ALA A 49 7.50 -4.74 28.43
N PRO A 50 8.07 -4.42 29.63
CA PRO A 50 8.18 -3.01 30.06
C PRO A 50 9.12 -2.11 29.24
N TRP A 51 10.08 -2.70 28.54
CA TRP A 51 11.02 -1.91 27.76
C TRP A 51 10.46 -1.44 26.41
N ILE A 52 9.32 -1.97 25.98
CA ILE A 52 8.74 -1.54 24.70
C ILE A 52 7.82 -0.36 24.94
N GLU A 53 7.48 -0.13 26.20
CA GLU A 53 6.54 0.90 26.60
C GLU A 53 7.06 2.31 26.39
N GLN A 54 8.38 2.44 26.32
CA GLN A 54 9.03 3.72 26.12
C GLN A 54 9.04 4.18 24.67
N GLU A 55 8.48 3.36 23.77
CA GLU A 55 8.25 3.79 22.41
C GLU A 55 7.04 4.70 22.39
N GLY A 56 7.08 5.71 21.53
CA GLY A 56 6.07 6.75 21.55
C GLY A 56 4.80 6.35 20.85
N PRO A 57 3.79 7.24 20.88
CA PRO A 57 2.49 7.05 20.24
C PRO A 57 2.56 6.74 18.74
N GLU A 58 3.58 7.27 18.06
CA GLU A 58 3.82 7.02 16.64
C GLU A 58 4.18 5.57 16.35
N TYR A 59 4.87 4.95 17.30
CA TYR A 59 5.20 3.54 17.18
C TYR A 59 3.93 2.73 17.28
N TRP A 60 3.12 3.00 18.30
CA TRP A 60 1.89 2.24 18.56
C TRP A 60 0.81 2.33 17.48
N ASP A 61 0.56 3.55 17.01
CA ASP A 61 -0.37 3.79 15.91
C ASP A 61 0.01 3.09 14.61
N GLY A 62 1.30 3.11 14.30
CA GLY A 62 1.82 2.49 13.11
C GLY A 62 1.77 0.99 13.18
N GLU A 63 2.09 0.45 14.37
CA GLU A 63 2.02 -0.99 14.60
C GLU A 63 0.58 -1.51 14.59
N THR A 64 -0.38 -0.67 14.99
CA THR A 64 -1.80 -1.03 14.95
C THR A 64 -2.28 -1.09 13.51
N ARG A 65 -1.85 -0.09 12.74
CA ARG A 65 -2.23 0.06 11.34
C ARG A 65 -1.72 -1.11 10.51
N LYS A 66 -0.45 -1.45 10.74
CA LYS A 66 0.18 -2.63 10.17
C LYS A 66 -0.49 -3.94 10.56
N VAL A 67 -0.80 -4.10 11.85
CA VAL A 67 -1.36 -5.37 12.33
C VAL A 67 -2.82 -5.60 11.90
N LYS A 68 -3.57 -4.51 11.75
CA LYS A 68 -4.92 -4.59 11.18
C LYS A 68 -4.84 -5.00 9.70
N ALA A 69 -3.80 -4.53 9.02
CA ALA A 69 -3.61 -4.87 7.62
C ALA A 69 -3.18 -6.31 7.45
N HIS A 70 -2.52 -6.87 8.46
CA HIS A 70 -2.27 -8.32 8.49
C HIS A 70 -3.59 -9.08 8.62
N SER A 71 -4.38 -8.72 9.62
CA SER A 71 -5.71 -9.30 9.85
C SER A 71 -6.63 -9.28 8.62
N GLN A 72 -6.66 -8.15 7.91
CA GLN A 72 -7.39 -8.08 6.64
C GLN A 72 -6.84 -8.99 5.54
N THR A 73 -5.52 -9.19 5.50
CA THR A 73 -4.94 -10.10 4.53
C THR A 73 -5.36 -11.55 4.85
N HIS A 74 -5.37 -11.89 6.13
CA HIS A 74 -5.78 -13.24 6.53
C HIS A 74 -7.30 -13.47 6.35
N ARG A 75 -8.09 -12.40 6.49
CA ARG A 75 -9.55 -12.51 6.36
C ARG A 75 -9.96 -12.86 4.93
N VAL A 76 -9.26 -12.30 3.96
CA VAL A 76 -9.43 -12.67 2.56
C VAL A 76 -8.88 -14.07 2.33
N ASP A 77 -7.69 -14.33 2.88
CA ASP A 77 -6.95 -15.60 2.67
C ASP A 77 -7.76 -16.87 2.97
N LEU A 78 -8.48 -16.85 4.08
CA LEU A 78 -9.34 -17.93 4.51
C LEU A 78 -10.38 -18.34 3.45
N GLY A 79 -10.94 -17.37 2.74
CA GLY A 79 -11.94 -17.61 1.69
C GLY A 79 -11.33 -18.09 0.39
N THR A 80 -10.08 -17.74 0.14
CA THR A 80 -9.43 -18.14 -1.10
C THR A 80 -8.95 -19.57 -0.97
N LEU A 81 -8.28 -19.85 0.14
CA LEU A 81 -7.91 -21.21 0.55
C LEU A 81 -9.07 -22.24 0.50
N ARG A 82 -10.23 -21.83 1.01
CA ARG A 82 -11.51 -22.53 0.86
C ARG A 82 -11.79 -22.95 -0.58
N GLY A 83 -11.62 -22.02 -1.52
CA GLY A 83 -11.83 -22.25 -2.93
C GLY A 83 -10.77 -23.13 -3.55
N TYR A 84 -9.51 -22.97 -3.13
CA TYR A 84 -8.40 -23.77 -3.62
C TYR A 84 -8.57 -25.24 -3.30
N TYR A 85 -9.00 -25.51 -2.07
CA TYR A 85 -9.13 -26.88 -1.60
C TYR A 85 -10.54 -27.44 -1.70
N ASN A 86 -11.42 -26.68 -2.38
CA ASN A 86 -12.84 -27.02 -2.63
C ASN A 86 -13.70 -27.30 -1.39
N GLN A 87 -13.42 -26.57 -0.33
CA GLN A 87 -14.13 -26.71 0.95
C GLN A 87 -15.34 -25.78 1.04
N SER A 88 -16.42 -26.23 1.68
CA SER A 88 -17.60 -25.39 1.98
C SER A 88 -17.29 -24.35 3.09
N GLU A 89 -18.17 -23.35 3.24
CA GLU A 89 -17.95 -22.28 4.25
C GLU A 89 -18.18 -22.75 5.70
N ALA A 90 -19.03 -23.76 5.87
CA ALA A 90 -19.53 -24.13 7.20
C ALA A 90 -18.51 -24.65 8.21
N GLY A 91 -17.36 -25.12 7.71
CA GLY A 91 -16.31 -25.63 8.57
C GLY A 91 -15.33 -24.57 9.02
N SER A 92 -14.82 -24.72 10.25
CA SER A 92 -13.86 -23.81 10.79
C SER A 92 -12.46 -24.16 10.29
N HIS A 93 -11.63 -23.16 9.97
CA HIS A 93 -10.28 -23.42 9.43
C HIS A 93 -9.24 -22.47 9.98
N THR A 94 -7.97 -22.85 9.89
CA THR A 94 -6.89 -22.05 10.49
C THR A 94 -5.85 -21.65 9.47
N VAL A 95 -5.39 -20.40 9.50
CA VAL A 95 -4.09 -20.13 8.88
C VAL A 95 -3.08 -19.57 9.89
N GLN A 96 -1.83 -20.00 9.74
CA GLN A 96 -0.75 -19.45 10.53
C GLN A 96 0.37 -18.86 9.69
N ARG A 97 0.85 -17.69 10.12
CA ARG A 97 2.00 -17.06 9.49
C ARG A 97 3.04 -16.86 10.58
N MET A 98 4.29 -17.12 10.24
CA MET A 98 5.39 -16.78 11.11
C MET A 98 6.50 -16.19 10.28
N TYR A 99 6.99 -15.04 10.71
CA TYR A 99 8.16 -14.46 10.10
C TYR A 99 9.11 -13.77 11.10
N GLY A 100 10.35 -13.54 10.65
CA GLY A 100 11.30 -12.84 11.48
C GLY A 100 12.75 -13.10 11.11
N CYS A 101 13.66 -12.63 11.96
CA CYS A 101 15.08 -12.68 11.61
C CYS A 101 16.02 -13.00 12.79
N ASP A 102 17.22 -13.51 12.48
CA ASP A 102 18.24 -13.87 13.46
C ASP A 102 19.52 -13.04 13.35
N VAL A 103 20.14 -12.71 14.48
CA VAL A 103 21.48 -12.15 14.50
C VAL A 103 22.45 -13.01 15.32
N GLY A 104 23.74 -12.82 15.11
CA GLY A 104 24.76 -13.58 15.83
C GLY A 104 25.28 -12.91 17.10
N SER A 105 26.47 -13.30 17.54
CA SER A 105 27.07 -12.77 18.76
C SER A 105 27.42 -11.30 18.65
N ASP A 106 27.81 -10.91 17.44
CA ASP A 106 28.20 -9.55 17.15
C ASP A 106 27.05 -8.73 16.61
N TRP A 107 25.87 -9.35 16.57
CA TRP A 107 24.62 -8.80 16.02
C TRP A 107 24.61 -8.57 14.50
N ARG A 108 25.48 -9.24 13.75
CA ARG A 108 25.36 -9.19 12.30
C ARG A 108 24.26 -10.17 11.93
N PHE A 109 23.55 -9.88 10.83
CA PHE A 109 22.51 -10.71 10.25
C PHE A 109 22.90 -12.19 10.13
N LEU A 110 21.98 -13.10 10.44
CA LEU A 110 22.22 -14.51 10.23
C LEU A 110 21.31 -15.07 9.15
N ARG A 111 20.02 -14.76 9.26
CA ARG A 111 19.00 -15.54 8.55
C ARG A 111 17.69 -14.79 8.67
N GLY A 112 16.80 -14.98 7.71
CA GLY A 112 15.47 -14.43 7.79
C GLY A 112 14.53 -15.54 7.34
N TYR A 113 13.26 -15.44 7.67
CA TYR A 113 12.32 -16.51 7.34
C TYR A 113 10.90 -15.98 7.25
N HIS A 114 10.06 -16.64 6.46
CA HIS A 114 8.65 -16.33 6.38
C HIS A 114 7.98 -17.63 6.01
N GLN A 115 7.20 -18.19 6.92
CA GLN A 115 6.58 -19.48 6.64
C GLN A 115 5.09 -19.34 6.82
N TYR A 116 4.32 -20.13 6.09
CA TYR A 116 2.88 -19.96 6.08
C TYR A 116 2.20 -21.32 6.07
N ALA A 117 1.15 -21.47 6.85
CA ALA A 117 0.47 -22.75 6.99
C ALA A 117 -1.05 -22.66 6.86
N TYR A 118 -1.67 -23.71 6.32
CA TYR A 118 -3.13 -23.81 6.31
C TYR A 118 -3.58 -25.13 6.92
N ASP A 119 -4.47 -25.03 7.91
CA ASP A 119 -5.05 -26.16 8.66
C ASP A 119 -4.04 -27.11 9.28
N GLY A 120 -2.96 -26.56 9.85
CA GLY A 120 -1.92 -27.37 10.45
C GLY A 120 -0.70 -27.72 9.62
N LYS A 121 -0.86 -27.85 8.31
CA LYS A 121 0.24 -28.34 7.49
C LYS A 121 0.96 -27.17 6.84
N ASP A 122 2.21 -27.39 6.42
CA ASP A 122 2.96 -26.45 5.59
C ASP A 122 2.16 -26.06 4.35
N TYR A 123 2.12 -24.76 4.03
CA TYR A 123 1.49 -24.30 2.79
C TYR A 123 2.55 -23.72 1.88
N ILE A 124 3.10 -22.56 2.24
CA ILE A 124 4.20 -21.98 1.49
C ILE A 124 5.31 -21.42 2.41
N ALA A 125 6.57 -21.64 2.05
CA ALA A 125 7.67 -21.04 2.81
C ALA A 125 8.73 -20.41 1.92
N LEU A 126 9.21 -19.26 2.38
CA LEU A 126 10.33 -18.54 1.79
C LEU A 126 11.64 -19.29 2.08
N LYS A 127 12.45 -19.55 1.06
CA LYS A 127 13.74 -20.24 1.25
C LYS A 127 14.79 -19.37 1.93
N GLU A 128 15.90 -19.99 2.37
CA GLU A 128 16.98 -19.28 3.06
C GLU A 128 17.71 -18.21 2.23
N ASP A 129 17.67 -18.36 0.89
CA ASP A 129 18.25 -17.35 0.00
C ASP A 129 17.42 -16.06 -0.03
N LEU A 130 16.21 -16.15 0.49
CA LEU A 130 15.23 -15.06 0.59
C LEU A 130 14.75 -14.50 -0.73
N ARG A 131 14.93 -15.26 -1.80
CA ARG A 131 14.61 -14.79 -3.13
C ARG A 131 13.76 -15.80 -3.87
N SER A 132 13.26 -16.81 -3.15
CA SER A 132 12.55 -17.96 -3.73
C SER A 132 11.66 -18.72 -2.71
N TRP A 133 10.68 -19.48 -3.22
CA TRP A 133 9.64 -20.11 -2.39
C TRP A 133 9.56 -21.63 -2.43
N THR A 134 9.17 -22.27 -1.31
CA THR A 134 8.83 -23.71 -1.33
C THR A 134 7.32 -23.91 -1.18
N ALA A 135 6.68 -24.40 -2.23
CA ALA A 135 5.27 -24.71 -2.16
C ALA A 135 5.11 -26.17 -1.76
N ALA A 136 4.21 -26.42 -0.81
CA ALA A 136 4.06 -27.76 -0.24
C ALA A 136 3.24 -28.70 -1.11
N ASP A 137 2.29 -28.16 -1.86
CA ASP A 137 1.39 -28.96 -2.70
C ASP A 137 0.86 -28.16 -3.87
N MET A 138 -0.09 -28.73 -4.60
CA MET A 138 -0.58 -28.17 -5.87
C MET A 138 -1.41 -26.91 -5.75
N ALA A 139 -2.07 -26.75 -4.61
CA ALA A 139 -2.80 -25.52 -4.36
C ALA A 139 -1.82 -24.39 -4.12
N ALA A 140 -0.75 -24.69 -3.37
CA ALA A 140 0.26 -23.71 -3.04
C ALA A 140 1.15 -23.26 -4.22
N GLN A 141 1.08 -23.99 -5.33
CA GLN A 141 1.76 -23.59 -6.57
C GLN A 141 1.11 -22.37 -7.22
N THR A 142 -0.19 -22.17 -7.00
CA THR A 142 -0.89 -20.99 -7.52
C THR A 142 -0.53 -19.75 -6.72
N THR A 143 -0.23 -19.93 -5.44
CA THR A 143 0.25 -18.86 -4.61
C THR A 143 1.68 -18.49 -5.03
N LYS A 144 2.50 -19.53 -5.20
CA LYS A 144 3.93 -19.43 -5.56
C LYS A 144 4.14 -18.69 -6.86
N HIS A 145 3.23 -18.90 -7.79
CA HIS A 145 3.23 -18.21 -9.07
C HIS A 145 2.82 -16.73 -8.91
N LYS A 146 1.86 -16.46 -8.03
CA LYS A 146 1.35 -15.10 -7.83
C LYS A 146 2.41 -14.28 -7.14
N TRP A 147 3.07 -14.92 -6.17
CA TRP A 147 4.05 -14.29 -5.31
C TRP A 147 5.39 -14.06 -6.02
N GLU A 148 5.62 -14.80 -7.10
CA GLU A 148 6.76 -14.57 -7.97
C GLU A 148 6.51 -13.34 -8.83
N ALA A 149 5.29 -13.25 -9.35
CA ALA A 149 4.92 -12.22 -10.33
C ALA A 149 4.76 -10.83 -9.72
N ALA A 150 4.51 -10.77 -8.41
CA ALA A 150 4.39 -9.50 -7.71
C ALA A 150 5.69 -9.07 -7.05
N HIS A 151 6.72 -9.92 -7.15
CA HIS A 151 8.04 -9.77 -6.51
C HIS A 151 7.96 -9.54 -5.01
N VAL A 152 7.14 -10.37 -4.36
CA VAL A 152 6.93 -10.35 -2.91
C VAL A 152 8.20 -10.66 -2.14
N ALA A 153 9.00 -11.58 -2.66
CA ALA A 153 10.30 -11.94 -2.10
C ALA A 153 11.22 -10.74 -1.96
N GLU A 154 11.25 -9.89 -2.97
CA GLU A 154 12.06 -8.67 -2.99
C GLU A 154 11.65 -7.65 -1.91
N GLN A 155 10.36 -7.54 -1.67
CA GLN A 155 9.83 -6.58 -0.70
C GLN A 155 10.11 -7.08 0.68
N LEU A 156 9.91 -8.38 0.88
CA LEU A 156 10.09 -9.02 2.19
C LEU A 156 11.56 -9.05 2.63
N ARG A 157 12.46 -9.23 1.67
CA ARG A 157 13.90 -9.31 1.94
C ARG A 157 14.44 -8.00 2.44
N ALA A 158 13.87 -6.90 1.95
CA ALA A 158 14.19 -5.55 2.42
C ALA A 158 13.83 -5.36 3.88
N TYR A 159 12.81 -6.06 4.33
CA TYR A 159 12.42 -6.02 5.72
C TYR A 159 13.30 -6.92 6.57
N LEU A 160 13.46 -8.18 6.15
CA LEU A 160 14.15 -9.19 6.95
C LEU A 160 15.64 -8.90 7.09
N GLU A 161 16.28 -8.46 6.02
CA GLU A 161 17.69 -8.10 6.09
C GLU A 161 17.85 -6.69 6.65
N GLY A 162 16.81 -5.89 6.58
CA GLY A 162 16.95 -4.48 6.86
C GLY A 162 16.32 -4.09 8.16
N THR A 163 15.00 -3.92 8.13
CA THR A 163 14.27 -3.28 9.21
C THR A 163 14.18 -4.18 10.42
N CYS A 164 14.03 -5.48 10.17
CA CYS A 164 13.90 -6.48 11.22
C CYS A 164 15.15 -6.50 12.10
N VAL A 165 16.31 -6.42 11.47
CA VAL A 165 17.57 -6.49 12.18
C VAL A 165 17.83 -5.21 13.00
N GLU A 166 17.54 -4.05 12.41
CA GLU A 166 17.73 -2.74 13.06
C GLU A 166 16.88 -2.64 14.28
N TRP A 167 15.64 -3.07 14.16
CA TRP A 167 14.73 -3.00 15.29
C TRP A 167 15.02 -4.07 16.33
N LEU A 168 15.45 -5.26 15.89
CA LEU A 168 15.94 -6.26 16.81
C LEU A 168 17.03 -5.67 17.68
N ARG A 169 18.05 -5.08 17.06
CA ARG A 169 19.18 -4.54 17.80
C ARG A 169 18.81 -3.41 18.73
N ARG A 170 17.85 -2.60 18.32
CA ARG A 170 17.31 -1.49 19.11
C ARG A 170 16.60 -2.02 20.36
N TYR A 171 15.85 -3.11 20.20
CA TYR A 171 15.12 -3.70 21.31
C TYR A 171 16.10 -4.35 22.27
N LEU A 172 17.13 -4.98 21.69
CA LEU A 172 18.19 -5.60 22.47
C LEU A 172 18.88 -4.58 23.34
N GLU A 173 19.08 -3.37 22.81
CA GLU A 173 19.76 -2.33 23.53
C GLU A 173 18.84 -1.68 24.56
N ASN A 174 17.57 -1.53 24.21
CA ASN A 174 16.65 -0.85 25.12
C ASN A 174 16.19 -1.74 26.29
N GLY A 175 16.26 -3.04 26.08
CA GLY A 175 15.93 -3.99 27.14
C GLY A 175 17.10 -4.86 27.51
N LYS A 176 18.30 -4.27 27.54
CA LYS A 176 19.57 -4.99 27.81
C LYS A 176 19.55 -5.71 29.15
N GLU A 177 18.97 -5.04 30.15
CA GLU A 177 18.88 -5.53 31.51
C GLU A 177 17.84 -6.65 31.70
N THR A 178 17.27 -7.15 30.62
CA THR A 178 16.32 -8.24 30.69
C THR A 178 16.55 -9.22 29.56
N LEU A 179 16.81 -8.71 28.35
CA LEU A 179 16.99 -9.59 27.21
C LEU A 179 18.38 -10.24 27.16
N GLN A 180 19.35 -9.56 27.73
CA GLN A 180 20.72 -10.05 27.65
C GLN A 180 21.16 -10.57 29.02
N ARG A 181 20.19 -10.79 29.89
CA ARG A 181 20.44 -11.46 31.14
C ARG A 181 20.55 -12.94 30.83
N THR A 182 21.29 -13.65 31.67
CA THR A 182 21.21 -15.09 31.71
C THR A 182 20.86 -15.43 33.14
N ASP A 183 19.88 -16.33 33.31
CA ASP A 183 19.58 -16.87 34.62
C ASP A 183 20.02 -18.30 34.59
N ALA A 184 20.91 -18.66 35.50
CA ALA A 184 21.38 -20.03 35.59
C ALA A 184 20.24 -20.89 36.13
N PRO A 185 20.22 -22.17 35.73
CA PRO A 185 19.37 -23.14 36.38
C PRO A 185 19.65 -23.29 37.88
N LYS A 186 18.62 -23.31 38.70
CA LYS A 186 18.74 -23.86 40.02
C LYS A 186 18.48 -25.34 39.84
N THR A 187 19.40 -26.18 40.33
CA THR A 187 19.31 -27.63 40.14
C THR A 187 19.14 -28.43 41.44
N HIS A 188 18.28 -29.44 41.40
CA HIS A 188 18.22 -30.48 42.42
C HIS A 188 17.84 -31.81 41.76
N MET A 189 17.69 -32.85 42.57
CA MET A 189 17.37 -34.17 42.04
C MET A 189 16.38 -34.83 42.98
N THR A 190 15.45 -35.63 42.47
CA THR A 190 14.57 -36.40 43.34
C THR A 190 14.68 -37.90 43.10
N HIS A 191 14.35 -38.68 44.12
CA HIS A 191 14.46 -40.13 44.07
C HIS A 191 13.11 -40.75 44.44
N HIS A 192 12.57 -41.57 43.55
CA HIS A 192 11.25 -42.16 43.77
C HIS A 192 11.18 -43.63 43.33
N ALA A 193 10.57 -44.47 44.18
CA ALA A 193 10.44 -45.89 43.87
C ALA A 193 9.36 -46.14 42.82
N VAL A 194 9.45 -47.29 42.14
CA VAL A 194 8.41 -47.73 41.20
C VAL A 194 8.15 -49.20 41.40
N SER A 195 9.11 -49.88 42.02
CA SER A 195 8.94 -51.22 42.56
C SER A 195 9.88 -51.33 43.76
N ASP A 196 10.09 -52.54 44.25
CA ASP A 196 11.02 -52.73 45.35
C ASP A 196 12.46 -52.78 44.86
N HIS A 197 12.63 -53.16 43.60
CA HIS A 197 13.94 -53.28 42.99
C HIS A 197 14.17 -52.31 41.83
N GLU A 198 13.31 -51.28 41.74
CA GLU A 198 13.47 -50.25 40.72
C GLU A 198 13.17 -48.87 41.27
N ALA A 199 13.96 -47.88 40.84
CA ALA A 199 13.78 -46.51 41.29
C ALA A 199 13.89 -45.50 40.15
N THR A 200 13.15 -44.39 40.26
CA THR A 200 13.28 -43.28 39.30
C THR A 200 14.16 -42.17 39.86
N LEU A 201 15.25 -41.84 39.17
CA LEU A 201 16.00 -40.64 39.49
C LEU A 201 15.57 -39.50 38.56
N ARG A 202 15.03 -38.42 39.14
CA ARG A 202 14.58 -37.30 38.31
C ARG A 202 15.47 -36.08 38.49
N CYS A 203 16.06 -35.62 37.40
CA CYS A 203 16.98 -34.49 37.40
C CYS A 203 16.27 -33.19 37.02
N TRP A 204 16.36 -32.15 37.84
CA TRP A 204 15.54 -30.95 37.72
C TRP A 204 16.30 -29.66 37.39
N ALA A 205 15.78 -28.84 36.48
CA ALA A 205 16.31 -27.48 36.32
C ALA A 205 15.20 -26.43 36.39
N LEU A 206 15.37 -25.43 37.25
CA LEU A 206 14.35 -24.39 37.40
C LEU A 206 14.93 -22.96 37.32
N SER A 207 14.05 -22.00 37.01
CA SER A 207 14.32 -20.55 37.02
C SER A 207 15.38 -20.05 36.05
N PHE A 208 15.35 -20.56 34.84
CA PHE A 208 16.40 -20.25 33.89
C PHE A 208 15.87 -19.54 32.64
N TYR A 209 16.75 -18.73 32.06
CA TYR A 209 16.54 -17.95 30.84
C TYR A 209 17.88 -17.88 30.11
N PRO A 210 17.90 -18.08 28.79
CA PRO A 210 16.80 -18.43 27.88
C PRO A 210 16.40 -19.90 27.96
N ALA A 211 15.47 -20.33 27.10
CA ALA A 211 14.88 -21.67 27.23
C ALA A 211 15.74 -22.80 26.70
N GLU A 212 16.86 -22.48 26.08
CA GLU A 212 17.74 -23.51 25.54
C GLU A 212 18.58 -24.16 26.65
N ILE A 213 18.32 -25.44 26.89
CA ILE A 213 19.01 -26.20 27.91
C ILE A 213 19.19 -27.65 27.38
N THR A 214 20.04 -28.44 28.04
CA THR A 214 20.31 -29.83 27.64
C THR A 214 20.60 -30.72 28.86
N LEU A 215 19.57 -31.38 29.35
CA LEU A 215 19.72 -32.34 30.42
C LEU A 215 20.10 -33.70 29.83
N THR A 216 21.20 -34.24 30.34
CA THR A 216 21.67 -35.57 29.97
C THR A 216 21.96 -36.42 31.20
N TRP A 217 21.99 -37.74 31.00
CA TRP A 217 22.17 -38.70 32.07
C TRP A 217 23.27 -39.66 31.66
N GLN A 218 24.17 -39.98 32.58
CA GLN A 218 25.25 -40.91 32.29
C GLN A 218 25.25 -42.10 33.25
N ARG A 219 25.78 -43.23 32.79
CA ARG A 219 26.08 -44.35 33.69
C ARG A 219 27.55 -44.76 33.62
N ASP A 220 28.25 -44.58 34.76
CA ASP A 220 29.71 -44.81 34.91
C ASP A 220 30.62 -44.00 33.99
N GLY A 221 30.10 -42.89 33.43
CA GLY A 221 30.82 -42.10 32.44
C GLY A 221 30.14 -42.05 31.07
N GLU A 222 29.53 -43.16 30.67
CA GLU A 222 28.87 -43.25 29.35
C GLU A 222 27.37 -42.93 29.45
N ASP A 223 26.87 -42.18 28.46
CA ASP A 223 25.49 -41.68 28.48
C ASP A 223 24.43 -42.75 28.21
N GLN A 224 23.30 -42.63 28.89
CA GLN A 224 22.23 -43.59 28.74
C GLN A 224 20.99 -42.93 28.20
N THR A 225 20.60 -43.37 27.02
CA THR A 225 19.56 -42.70 26.28
C THR A 225 18.21 -43.36 26.42
N GLN A 226 18.20 -44.66 26.73
CA GLN A 226 16.99 -45.43 26.54
C GLN A 226 16.38 -46.08 27.77
N ASP A 227 16.40 -45.32 28.87
CA ASP A 227 15.39 -45.42 29.91
C ASP A 227 15.13 -43.99 30.35
N THR A 228 15.45 -43.06 29.45
CA THR A 228 15.40 -41.63 29.70
C THR A 228 14.08 -41.02 29.28
N GLU A 229 13.50 -40.24 30.18
CA GLU A 229 12.34 -39.44 29.86
C GLU A 229 12.66 -37.96 30.04
N LEU A 230 12.56 -37.22 28.94
CA LEU A 230 12.84 -35.80 28.92
C LEU A 230 11.54 -35.05 28.69
N VAL A 231 11.05 -34.26 29.65
CA VAL A 231 9.84 -33.47 29.32
C VAL A 231 10.10 -32.23 28.52
N GLU A 232 9.04 -31.78 27.87
CA GLU A 232 9.02 -30.53 27.12
C GLU A 232 9.29 -29.35 28.07
N THR A 233 10.19 -28.46 27.66
CA THR A 233 10.50 -27.21 28.38
C THR A 233 9.23 -26.37 28.51
N ARG A 234 9.00 -25.83 29.70
CA ARG A 234 7.72 -25.22 30.03
C ARG A 234 7.95 -23.89 30.72
N PRO A 235 7.01 -22.94 30.60
CA PRO A 235 7.24 -21.67 31.30
C PRO A 235 6.83 -21.73 32.78
N ALA A 236 7.58 -21.04 33.64
CA ALA A 236 7.19 -20.99 35.04
C ALA A 236 6.12 -19.90 35.23
N GLY A 237 6.06 -18.96 34.28
CA GLY A 237 5.01 -17.94 34.28
C GLY A 237 5.53 -16.60 34.73
N ASP A 238 6.83 -16.57 35.05
CA ASP A 238 7.47 -15.33 35.46
C ASP A 238 8.60 -14.97 34.50
N GLY A 239 8.53 -15.52 33.29
CA GLY A 239 9.52 -15.22 32.28
C GLY A 239 10.72 -16.15 32.33
N THR A 240 10.68 -17.14 33.23
CA THR A 240 11.74 -18.16 33.31
C THR A 240 11.24 -19.56 32.98
N PHE A 241 12.16 -20.48 32.79
CA PHE A 241 11.74 -21.80 32.32
C PHE A 241 12.02 -22.94 33.28
N GLN A 242 11.43 -24.11 33.00
CA GLN A 242 11.59 -25.34 33.80
C GLN A 242 11.69 -26.57 32.89
N LYS A 243 12.55 -27.52 33.29
CA LYS A 243 12.70 -28.80 32.59
C LYS A 243 13.20 -29.91 33.56
N TRP A 244 12.81 -31.15 33.29
CA TRP A 244 13.37 -32.30 33.96
C TRP A 244 13.75 -33.47 33.07
N ALA A 245 14.69 -34.27 33.54
CA ALA A 245 15.01 -35.55 32.91
C ALA A 245 14.91 -36.69 33.92
N ALA A 246 14.36 -37.84 33.50
CA ALA A 246 14.17 -38.98 34.40
C ALA A 246 14.89 -40.23 33.94
N VAL A 247 15.16 -41.16 34.85
CA VAL A 247 15.66 -42.51 34.48
C VAL A 247 15.14 -43.62 35.37
N VAL A 248 14.67 -44.69 34.76
CA VAL A 248 14.29 -45.89 35.48
C VAL A 248 15.58 -46.64 35.78
N VAL A 249 15.84 -46.91 37.06
CA VAL A 249 17.15 -47.40 37.54
C VAL A 249 16.96 -48.57 38.54
N PRO A 250 17.73 -49.67 38.39
CA PRO A 250 17.70 -50.77 39.38
C PRO A 250 18.18 -50.33 40.77
N SER A 251 17.46 -50.73 41.82
CA SER A 251 17.67 -50.18 43.15
C SER A 251 19.04 -50.49 43.77
N GLY A 252 19.62 -49.49 44.41
CA GLY A 252 20.95 -49.63 44.96
C GLY A 252 22.04 -49.36 43.93
N GLN A 253 21.65 -48.77 42.80
CA GLN A 253 22.65 -48.47 41.77
C GLN A 253 22.65 -47.00 41.36
N GLU A 254 21.97 -46.16 42.15
CA GLU A 254 21.88 -44.70 41.95
C GLU A 254 23.22 -43.94 41.94
N GLN A 255 24.20 -44.56 42.56
CA GLN A 255 25.57 -44.09 42.73
C GLN A 255 26.30 -44.01 41.40
N ARG A 256 26.05 -44.96 40.51
CA ARG A 256 26.69 -44.98 39.19
C ARG A 256 26.02 -44.07 38.15
N TYR A 257 25.06 -43.26 38.57
CA TYR A 257 24.33 -42.41 37.66
C TYR A 257 24.52 -40.92 37.93
N THR A 258 24.94 -40.19 36.90
CA THR A 258 25.18 -38.76 37.02
C THR A 258 24.36 -37.94 36.02
N CYS A 259 23.82 -36.82 36.47
CA CYS A 259 23.07 -35.93 35.61
C CYS A 259 23.91 -34.74 35.20
N HIS A 260 23.99 -34.50 33.89
CA HIS A 260 24.80 -33.39 33.38
C HIS A 260 23.92 -32.27 32.82
N VAL A 261 24.20 -31.04 33.25
CA VAL A 261 23.38 -29.89 32.87
C VAL A 261 24.21 -28.84 32.12
N GLN A 262 23.83 -28.55 30.86
CA GLN A 262 24.44 -27.45 30.10
C GLN A 262 23.45 -26.31 29.84
N HIS A 263 23.90 -25.07 30.01
CA HIS A 263 23.06 -23.88 29.80
C HIS A 263 24.02 -22.74 29.52
N GLU A 264 23.57 -21.67 28.86
CA GLU A 264 24.48 -20.56 28.53
C GLU A 264 24.81 -19.63 29.71
N GLY A 265 24.06 -19.78 30.80
CA GLY A 265 24.34 -19.07 32.05
C GLY A 265 25.16 -19.85 33.06
N LEU A 266 25.91 -20.86 32.60
CA LEU A 266 26.79 -21.64 33.48
C LEU A 266 28.21 -21.63 32.93
N PRO A 267 29.16 -21.17 33.75
CA PRO A 267 30.60 -21.07 33.41
C PRO A 267 31.16 -22.42 33.02
N LYS A 268 31.12 -23.36 33.96
CA LYS A 268 31.35 -24.76 33.65
C LYS A 268 29.98 -25.42 33.85
N PRO A 269 29.66 -26.46 33.03
CA PRO A 269 28.51 -27.34 33.18
C PRO A 269 28.43 -28.05 34.54
N LEU A 270 27.21 -28.27 35.02
CA LEU A 270 26.97 -28.85 36.33
C LEU A 270 26.84 -30.35 36.27
N THR A 271 27.15 -31.01 37.38
CA THR A 271 27.03 -32.46 37.48
C THR A 271 26.41 -32.87 38.83
N LEU A 272 25.26 -33.53 38.79
CA LEU A 272 24.62 -33.96 40.04
C LEU A 272 24.55 -35.48 40.12
N ARG A 273 24.61 -36.02 41.34
CA ARG A 273 24.50 -37.47 41.53
C ARG A 273 23.79 -37.86 42.80
N TRP A 274 24.08 -39.06 43.28
CA TRP A 274 23.55 -39.54 44.55
C TRP A 274 24.52 -40.14 45.58
N GLU A 275 25.64 -40.74 45.13
CA GLU A 275 26.70 -41.25 46.05
C GLU A 275 27.51 -40.12 46.71
N MET B 1 -6.89 -31.40 6.72
CA MET B 1 -7.24 -30.87 8.07
C MET B 1 -6.62 -31.77 9.16
N ILE B 2 -5.71 -31.22 9.96
CA ILE B 2 -4.93 -32.05 10.87
C ILE B 2 -5.42 -31.95 12.32
N GLN B 3 -5.18 -32.99 13.12
CA GLN B 3 -5.57 -32.95 14.51
C GLN B 3 -4.46 -33.44 15.41
N ARG B 4 -4.21 -32.71 16.49
CA ARG B 4 -3.16 -33.07 17.42
C ARG B 4 -3.64 -32.95 18.86
N THR B 5 -3.39 -34.01 19.63
CA THR B 5 -3.78 -34.08 21.03
C THR B 5 -2.84 -33.23 21.83
N PRO B 6 -3.38 -32.45 22.78
CA PRO B 6 -2.55 -31.69 23.70
C PRO B 6 -1.72 -32.58 24.63
N LYS B 7 -0.48 -32.19 24.87
CA LYS B 7 0.31 -32.67 26.00
C LYS B 7 -0.16 -31.80 27.14
N ILE B 8 -0.25 -32.33 28.36
CA ILE B 8 -0.77 -31.53 29.47
C ILE B 8 0.20 -31.57 30.60
N GLN B 9 0.60 -30.43 31.16
CA GLN B 9 1.49 -30.44 32.33
C GLN B 9 1.01 -29.55 33.47
N VAL B 10 0.79 -30.16 34.63
CA VAL B 10 0.44 -29.43 35.85
C VAL B 10 1.63 -29.31 36.79
N TYR B 11 1.90 -28.10 37.26
CA TYR B 11 3.09 -27.83 38.06
C TYR B 11 3.00 -26.46 38.73
N SER B 12 3.89 -26.22 39.67
CA SER B 12 3.91 -24.97 40.39
C SER B 12 5.01 -24.07 39.86
N ARG B 13 4.93 -22.76 40.11
CA ARG B 13 5.97 -21.85 39.66
C ARG B 13 7.20 -21.99 40.57
N HIS B 14 6.95 -22.04 41.87
CA HIS B 14 8.02 -22.26 42.83
C HIS B 14 7.91 -23.64 43.47
N PRO B 15 9.01 -24.15 44.04
CA PRO B 15 8.91 -25.32 44.93
C PRO B 15 7.94 -25.06 46.09
N ALA B 16 6.89 -25.88 46.18
CA ALA B 16 5.77 -25.65 47.09
C ALA B 16 6.16 -25.85 48.55
N GLU B 17 5.98 -24.80 49.32
CA GLU B 17 6.17 -24.86 50.75
C GLU B 17 4.76 -24.74 51.30
N ASN B 18 4.32 -25.73 52.07
CA ASN B 18 2.96 -25.83 52.59
C ASN B 18 2.49 -24.61 53.37
N GLY B 19 1.38 -24.02 52.92
CA GLY B 19 0.84 -22.82 53.56
C GLY B 19 1.52 -21.53 53.15
N LYS B 20 2.35 -21.59 52.12
CA LYS B 20 3.01 -20.40 51.61
C LYS B 20 2.60 -20.26 50.16
N SER B 21 2.11 -19.08 49.80
CA SER B 21 1.43 -18.83 48.53
C SER B 21 2.30 -19.03 47.29
N ASN B 22 1.66 -19.38 46.17
CA ASN B 22 2.38 -19.78 44.98
C ASN B 22 1.56 -19.54 43.71
N PHE B 23 1.86 -20.27 42.66
CA PHE B 23 1.12 -20.17 41.42
C PHE B 23 0.95 -21.54 40.81
N LEU B 24 -0.28 -21.91 40.48
CA LEU B 24 -0.53 -23.23 39.91
C LEU B 24 -0.62 -23.13 38.41
N ASN B 25 0.22 -23.85 37.68
CA ASN B 25 0.24 -23.76 36.22
C ASN B 25 -0.29 -25.00 35.53
N CYS B 26 -1.02 -24.81 34.44
CA CYS B 26 -1.29 -25.90 33.51
C CYS B 26 -0.90 -25.47 32.10
N TYR B 27 -0.01 -26.24 31.47
CA TYR B 27 0.56 -25.83 30.20
C TYR B 27 0.20 -26.86 29.13
N VAL B 28 -0.83 -26.52 28.35
CA VAL B 28 -1.22 -27.34 27.22
C VAL B 28 -0.41 -26.94 26.00
N SER B 29 0.12 -27.95 25.32
CA SER B 29 1.00 -27.72 24.19
C SER B 29 0.87 -28.86 23.21
N GLY B 30 1.30 -28.61 21.98
CA GLY B 30 1.32 -29.64 20.96
C GLY B 30 -0.03 -29.93 20.32
N PHE B 31 -0.96 -29.00 20.38
CA PHE B 31 -2.31 -29.25 19.87
C PHE B 31 -2.70 -28.55 18.56
N HIS B 32 -3.58 -29.19 17.79
CA HIS B 32 -4.20 -28.59 16.62
C HIS B 32 -5.60 -29.23 16.46
N PRO B 33 -6.62 -28.44 16.15
CA PRO B 33 -6.70 -26.98 16.01
C PRO B 33 -6.71 -26.24 17.35
N SER B 34 -7.14 -24.98 17.32
CA SER B 34 -6.86 -24.05 18.38
C SER B 34 -7.87 -24.05 19.52
N ASP B 35 -9.09 -24.54 19.27
CA ASP B 35 -10.17 -24.46 20.25
C ASP B 35 -9.97 -25.45 21.40
N ILE B 36 -9.73 -24.95 22.60
CA ILE B 36 -9.45 -25.85 23.71
C ILE B 36 -10.15 -25.37 25.01
N GLU B 37 -10.68 -26.30 25.81
CA GLU B 37 -11.26 -25.93 27.12
C GLU B 37 -10.25 -26.28 28.19
N VAL B 38 -9.87 -25.34 29.03
CA VAL B 38 -8.97 -25.67 30.16
C VAL B 38 -9.47 -25.08 31.50
N ASP B 39 -9.76 -25.92 32.48
CA ASP B 39 -10.08 -25.41 33.80
C ASP B 39 -9.04 -25.91 34.78
N LEU B 40 -8.95 -25.22 35.91
CA LEU B 40 -8.08 -25.63 36.98
C LEU B 40 -8.99 -25.99 38.12
N LEU B 41 -8.77 -27.15 38.73
CA LEU B 41 -9.70 -27.63 39.75
C LEU B 41 -9.09 -27.65 41.15
N LYS B 42 -9.83 -27.09 42.10
CA LYS B 42 -9.48 -27.22 43.50
C LYS B 42 -10.48 -28.17 44.12
N ASN B 43 -9.98 -29.34 44.51
CA ASN B 43 -10.77 -30.49 45.02
C ASN B 43 -11.93 -30.92 44.13
N GLY B 44 -11.77 -30.76 42.82
CA GLY B 44 -12.79 -31.12 41.86
C GLY B 44 -13.68 -29.97 41.40
N GLU B 45 -13.67 -28.86 42.13
CA GLU B 45 -14.50 -27.72 41.75
C GLU B 45 -13.64 -26.69 41.04
N ARG B 46 -14.22 -26.00 40.04
CA ARG B 46 -13.48 -25.09 39.15
C ARG B 46 -13.04 -23.78 39.83
N ILE B 47 -11.77 -23.43 39.71
CA ILE B 47 -11.28 -22.13 40.17
C ILE B 47 -11.70 -21.04 39.17
N GLU B 48 -12.26 -19.94 39.69
CA GLU B 48 -12.87 -18.94 38.83
C GLU B 48 -11.97 -17.80 38.33
N LYS B 49 -10.76 -17.68 38.86
CA LYS B 49 -9.85 -16.61 38.43
C LYS B 49 -8.60 -17.16 37.73
N VAL B 50 -8.83 -17.86 36.62
CA VAL B 50 -7.75 -18.42 35.84
C VAL B 50 -7.43 -17.49 34.67
N GLU B 51 -6.23 -16.92 34.69
CA GLU B 51 -5.72 -16.17 33.55
C GLU B 51 -4.94 -17.13 32.67
N HIS B 52 -4.80 -16.78 31.39
CA HIS B 52 -4.08 -17.58 30.43
C HIS B 52 -3.24 -16.74 29.48
N SER B 53 -2.28 -17.36 28.82
CA SER B 53 -1.34 -16.62 27.99
C SER B 53 -1.92 -16.36 26.59
N ASP B 54 -1.27 -15.49 25.83
CA ASP B 54 -1.64 -15.24 24.45
C ASP B 54 -1.25 -16.43 23.57
N LEU B 55 -2.15 -16.85 22.69
CA LEU B 55 -1.92 -18.00 21.82
C LEU B 55 -0.70 -17.86 20.94
N SER B 56 0.11 -18.92 20.88
CA SER B 56 1.23 -18.95 19.98
C SER B 56 1.43 -20.38 19.55
N PHE B 57 2.43 -20.63 18.71
CA PHE B 57 2.63 -21.96 18.17
C PHE B 57 4.10 -22.29 17.98
N SER B 58 4.41 -23.58 17.84
CA SER B 58 5.77 -24.04 17.65
C SER B 58 6.15 -24.20 16.18
N LYS B 59 7.37 -24.65 15.93
CA LYS B 59 7.92 -24.82 14.56
C LYS B 59 7.15 -25.78 13.65
N ASP B 60 6.41 -26.69 14.27
CA ASP B 60 5.64 -27.69 13.57
C ASP B 60 4.18 -27.29 13.50
N TRP B 61 3.94 -26.00 13.80
CA TRP B 61 2.62 -25.33 13.78
C TRP B 61 1.67 -25.68 14.92
N SER B 62 2.11 -26.50 15.86
CA SER B 62 1.21 -26.92 16.94
C SER B 62 1.14 -25.86 18.03
N PHE B 63 -0.05 -25.71 18.61
CA PHE B 63 -0.33 -24.57 19.48
C PHE B 63 0.11 -24.80 20.90
N TYR B 64 0.35 -23.70 21.62
CA TYR B 64 0.66 -23.82 23.05
C TYR B 64 0.04 -22.72 23.90
N LEU B 65 -0.45 -23.09 25.08
CA LEU B 65 -1.06 -22.13 26.01
C LEU B 65 -0.62 -22.38 27.46
N LEU B 66 -0.33 -21.30 28.20
CA LEU B 66 -0.14 -21.43 29.64
C LEU B 66 -1.34 -20.92 30.43
N TYR B 67 -1.95 -21.76 31.25
CA TYR B 67 -3.03 -21.32 32.14
C TYR B 67 -2.54 -21.27 33.58
N TYR B 68 -3.01 -20.30 34.35
CA TYR B 68 -2.52 -20.11 35.70
C TYR B 68 -3.45 -19.40 36.70
N THR B 69 -3.26 -19.71 37.98
CA THR B 69 -3.84 -18.94 39.09
C THR B 69 -3.00 -18.99 40.36
N GLU B 70 -3.19 -17.99 41.21
CA GLU B 70 -2.57 -17.96 42.51
C GLU B 70 -3.23 -19.02 43.40
N PHE B 71 -2.39 -19.78 44.11
CA PHE B 71 -2.88 -20.73 45.11
C PHE B 71 -1.95 -20.79 46.31
N THR B 72 -2.49 -21.19 47.46
CA THR B 72 -1.67 -21.45 48.63
C THR B 72 -1.82 -22.94 48.96
N PRO B 73 -0.81 -23.72 48.57
CA PRO B 73 -0.78 -25.18 48.68
C PRO B 73 -0.73 -25.64 50.13
N THR B 74 -1.51 -26.67 50.43
CA THR B 74 -1.57 -27.22 51.77
C THR B 74 -1.32 -28.73 51.72
N GLU B 75 -1.73 -29.43 52.76
CA GLU B 75 -1.54 -30.87 52.83
C GLU B 75 -2.72 -31.64 52.24
N LYS B 76 -3.93 -31.26 52.66
CA LYS B 76 -5.17 -31.95 52.28
C LYS B 76 -5.73 -31.61 50.88
N ASP B 77 -5.33 -30.49 50.29
CA ASP B 77 -5.98 -30.00 49.07
C ASP B 77 -5.40 -30.55 47.78
N GLU B 78 -6.17 -31.37 47.07
CA GLU B 78 -5.76 -31.81 45.74
C GLU B 78 -6.00 -30.72 44.67
N TYR B 79 -5.14 -30.69 43.65
CA TYR B 79 -5.29 -29.71 42.59
C TYR B 79 -5.12 -30.38 41.25
N ALA B 80 -6.01 -30.08 40.31
CA ALA B 80 -5.90 -30.71 39.00
C ALA B 80 -6.02 -29.71 37.87
N CYS B 81 -5.84 -30.20 36.65
CA CYS B 81 -6.09 -29.43 35.43
C CYS B 81 -7.03 -30.24 34.56
N ARG B 82 -8.09 -29.64 34.03
CA ARG B 82 -9.06 -30.42 33.25
C ARG B 82 -9.23 -29.86 31.83
N VAL B 83 -8.96 -30.70 30.84
CA VAL B 83 -8.76 -30.25 29.46
C VAL B 83 -9.68 -30.96 28.49
N ASN B 84 -10.37 -30.20 27.63
CA ASN B 84 -11.12 -30.78 26.54
C ASN B 84 -10.72 -30.14 25.22
N HIS B 85 -10.82 -30.92 24.16
CA HIS B 85 -10.36 -30.55 22.83
C HIS B 85 -11.10 -31.52 21.91
N VAL B 86 -11.06 -31.30 20.60
CA VAL B 86 -11.75 -32.18 19.66
C VAL B 86 -11.10 -33.59 19.59
N THR B 87 -9.83 -33.68 19.98
CA THR B 87 -9.13 -34.96 19.95
C THR B 87 -9.55 -35.88 21.10
N LEU B 88 -9.94 -35.29 22.23
CA LEU B 88 -10.39 -36.10 23.37
C LEU B 88 -11.89 -36.36 23.33
N SER B 89 -12.29 -37.58 23.67
CA SER B 89 -13.70 -37.94 23.65
C SER B 89 -14.38 -37.71 24.98
N GLN B 90 -13.62 -37.22 25.96
CA GLN B 90 -14.16 -36.74 27.23
C GLN B 90 -13.03 -35.93 27.83
N PRO B 91 -13.33 -34.99 28.75
CA PRO B 91 -12.30 -34.19 29.43
C PRO B 91 -11.21 -35.03 30.10
N LYS B 92 -9.96 -34.64 29.94
CA LYS B 92 -8.83 -35.33 30.55
C LYS B 92 -8.46 -34.60 31.84
N ILE B 93 -8.47 -35.30 32.96
CA ILE B 93 -8.08 -34.71 34.23
C ILE B 93 -6.69 -35.17 34.61
N VAL B 94 -5.77 -34.22 34.75
CA VAL B 94 -4.42 -34.48 35.25
C VAL B 94 -4.21 -33.82 36.62
N LYS B 95 -3.96 -34.64 37.66
CA LYS B 95 -3.69 -34.13 39.02
C LYS B 95 -2.26 -33.55 39.18
N TRP B 96 -2.08 -32.72 40.20
CA TRP B 96 -0.80 -32.05 40.46
C TRP B 96 0.03 -32.86 41.43
N ASP B 97 1.10 -33.47 40.94
CA ASP B 97 2.05 -34.11 41.85
C ASP B 97 3.26 -33.20 42.11
N ARG B 98 3.35 -32.68 43.33
CA ARG B 98 4.43 -31.80 43.78
C ARG B 98 5.75 -32.53 43.85
N ASP B 99 5.69 -33.80 44.24
CA ASP B 99 6.87 -34.61 44.52
C ASP B 99 7.35 -35.37 43.30
N MET B 100 7.23 -34.78 42.11
CA MET B 100 7.84 -35.39 40.92
CA MET B 100 7.85 -35.34 40.91
C MET B 100 9.36 -35.32 41.10
N GLU C 1 9.17 -4.32 15.52
CA GLU C 1 8.52 -3.76 14.31
C GLU C 1 8.02 -4.83 13.35
N LEU C 2 6.71 -4.83 13.12
CA LEU C 2 6.09 -5.68 12.12
C LEU C 2 6.51 -5.21 10.73
N ALA C 3 6.30 -6.07 9.74
CA ALA C 3 6.55 -5.70 8.37
C ALA C 3 5.45 -4.78 7.93
N GLY C 4 5.79 -3.88 7.03
CA GLY C 4 4.82 -2.99 6.49
C GLY C 4 4.83 -3.14 5.01
N ILE C 5 5.61 -4.12 4.53
CA ILE C 5 5.68 -4.44 3.10
C ILE C 5 5.83 -5.94 3.00
N GLY C 6 5.73 -6.46 1.78
CA GLY C 6 6.00 -7.88 1.53
C GLY C 6 5.03 -8.93 2.01
N ILE C 7 3.82 -8.50 2.34
CA ILE C 7 2.73 -9.40 2.72
C ILE C 7 1.67 -9.28 1.63
N LEU C 8 1.24 -10.39 1.07
CA LEU C 8 0.28 -10.37 -0.02
C LEU C 8 -0.64 -11.57 0.18
N THR C 9 -1.86 -11.53 -0.37
CA THR C 9 -2.78 -12.66 -0.30
C THR C 9 -2.34 -13.81 -1.14
N VAL C 10 -2.80 -15.00 -0.74
CA VAL C 10 -2.38 -16.25 -1.39
C VAL C 10 -3.15 -16.50 -2.69
N GLN D 1 -1.91 14.62 3.40
CA GLN D 1 -1.35 15.91 2.91
C GLN D 1 0.17 15.94 3.20
N LEU D 2 1.00 15.69 2.19
CA LEU D 2 2.48 15.61 2.35
C LEU D 2 3.25 16.78 1.72
N ASN D 3 4.37 17.19 2.33
CA ASN D 3 5.14 18.36 1.87
C ASN D 3 6.01 18.04 0.67
N GLN D 4 5.65 18.59 -0.49
CA GLN D 4 6.38 18.33 -1.73
C GLN D 4 6.98 19.63 -2.24
N SER D 5 8.29 19.64 -2.46
CA SER D 5 8.95 20.86 -2.91
C SER D 5 9.78 20.55 -4.14
N PRO D 6 9.57 21.29 -5.23
CA PRO D 6 8.88 22.55 -5.40
C PRO D 6 7.41 22.35 -5.70
N GLN D 7 6.70 23.44 -5.99
CA GLN D 7 5.29 23.33 -6.32
C GLN D 7 5.20 23.31 -7.83
N SER D 8 6.14 24.01 -8.46
CA SER D 8 6.17 24.18 -9.91
C SER D 8 7.58 24.50 -10.37
N MET D 9 8.05 23.81 -11.40
CA MET D 9 9.32 24.19 -11.99
C MET D 9 9.33 24.19 -13.51
N PHE D 10 10.04 25.18 -14.06
CA PHE D 10 10.18 25.39 -15.48
C PHE D 10 11.63 25.09 -15.77
N ILE D 11 11.88 24.11 -16.63
CA ILE D 11 13.24 23.66 -16.83
C ILE D 11 13.60 23.60 -18.32
N GLN D 12 14.84 23.92 -18.67
CA GLN D 12 15.23 23.79 -20.05
C GLN D 12 15.55 22.35 -20.39
N GLU D 13 15.23 21.99 -21.64
CA GLU D 13 15.35 20.63 -22.17
C GLU D 13 16.79 20.13 -22.20
N GLY D 14 17.00 18.91 -21.71
CA GLY D 14 18.32 18.32 -21.67
C GLY D 14 18.92 18.38 -20.28
N GLU D 15 18.44 19.32 -19.48
CA GLU D 15 18.89 19.42 -18.10
C GLU D 15 18.16 18.43 -17.20
N ASP D 16 18.57 18.42 -15.93
CA ASP D 16 17.99 17.49 -14.94
C ASP D 16 16.95 18.14 -14.03
N VAL D 17 16.04 17.31 -13.52
CA VAL D 17 14.95 17.78 -12.68
C VAL D 17 15.07 17.09 -11.34
N SER D 18 14.90 17.82 -10.24
CA SER D 18 14.90 17.23 -8.92
C SER D 18 13.67 17.69 -8.15
N MET D 19 13.02 16.78 -7.43
CA MET D 19 11.90 17.10 -6.55
C MET D 19 11.98 16.21 -5.33
N ASN D 20 11.45 16.68 -4.20
CA ASN D 20 11.43 15.86 -3.00
C ASN D 20 10.20 16.00 -2.14
N CYS D 21 10.00 15.00 -1.29
CA CYS D 21 8.93 15.00 -0.32
C CYS D 21 9.43 14.96 1.08
N THR D 22 8.63 15.47 2.00
CA THR D 22 8.97 15.46 3.40
C THR D 22 7.77 14.97 4.19
N SER D 23 8.01 14.13 5.19
CA SER D 23 6.94 13.75 6.08
C SER D 23 7.30 13.94 7.55
N SER D 24 6.32 13.69 8.40
CA SER D 24 6.50 13.77 9.83
C SER D 24 6.26 12.39 10.44
N SER D 25 5.53 11.56 9.70
CA SER D 25 5.36 10.19 10.06
C SER D 25 6.27 9.34 9.19
N ILE D 26 6.79 8.27 9.79
CA ILE D 26 7.55 7.22 9.12
C ILE D 26 6.65 6.49 8.11
N PHE D 27 7.12 6.30 6.87
CA PHE D 27 6.46 5.37 5.93
C PHE D 27 7.34 4.17 5.53
N ASN D 28 6.70 3.11 5.06
CA ASN D 28 7.44 1.88 4.77
C ASN D 28 7.57 1.59 3.29
N THR D 29 6.76 2.26 2.48
CA THR D 29 6.96 2.30 1.05
C THR D 29 6.92 3.74 0.62
N TRP D 30 7.76 4.07 -0.35
CA TRP D 30 7.56 5.33 -1.04
C TRP D 30 7.30 5.07 -2.51
N LEU D 31 6.26 5.73 -3.04
CA LEU D 31 5.93 5.64 -4.46
C LEU D 31 6.04 6.99 -5.14
N TRP D 32 6.34 7.00 -6.44
CA TRP D 32 6.31 8.23 -7.23
C TRP D 32 5.42 8.06 -8.46
N TYR D 33 4.52 9.02 -8.67
CA TYR D 33 3.60 8.97 -9.81
C TYR D 33 3.78 10.11 -10.82
N LYS D 34 3.44 9.85 -12.08
CA LYS D 34 3.38 10.90 -13.10
C LYS D 34 1.93 11.08 -13.55
N GLN D 35 1.47 12.32 -13.73
CA GLN D 35 0.13 12.58 -14.31
C GLN D 35 0.10 13.49 -15.56
N ASP D 36 -0.43 12.96 -16.65
CA ASP D 36 -0.62 13.76 -17.83
C ASP D 36 -2.03 14.39 -17.81
N PRO D 37 -2.18 15.59 -18.39
CA PRO D 37 -3.47 16.24 -18.59
C PRO D 37 -4.48 15.33 -19.29
N GLY D 38 -5.59 15.06 -18.62
CA GLY D 38 -6.64 14.23 -19.20
C GLY D 38 -6.67 12.81 -18.67
N GLU D 39 -5.57 12.39 -18.06
CA GLU D 39 -5.44 11.01 -17.58
C GLU D 39 -5.36 10.84 -16.07
N GLY D 40 -5.14 9.60 -15.64
CA GLY D 40 -4.91 9.31 -14.24
C GLY D 40 -3.45 9.40 -13.89
N PRO D 41 -3.10 9.26 -12.60
CA PRO D 41 -1.70 9.13 -12.23
C PRO D 41 -1.17 7.75 -12.63
N VAL D 42 0.07 7.67 -13.06
CA VAL D 42 0.64 6.38 -13.46
C VAL D 42 1.86 6.15 -12.59
N LEU D 43 1.93 4.99 -11.95
CA LEU D 43 3.06 4.64 -11.09
C LEU D 43 4.38 4.53 -11.84
N LEU D 44 5.32 5.41 -11.51
CA LEU D 44 6.68 5.31 -12.07
C LEU D 44 7.57 4.33 -11.34
N ILE D 45 7.81 4.57 -10.05
CA ILE D 45 8.74 3.78 -9.24
C ILE D 45 8.14 3.37 -7.88
N ALA D 46 8.34 2.11 -7.51
CA ALA D 46 8.05 1.63 -6.16
C ALA D 46 9.35 1.35 -5.36
N LEU D 47 9.57 2.07 -4.25
CA LEU D 47 10.77 1.90 -3.41
C LEU D 47 10.57 1.07 -2.14
N TYR D 48 11.53 0.22 -1.80
CA TYR D 48 11.33 -0.68 -0.66
C TYR D 48 12.37 -0.64 0.47
N LYS D 49 13.58 -0.16 0.19
CA LYS D 49 14.58 0.13 1.23
C LYS D 49 15.34 1.41 0.91
N ALA D 50 16.26 1.80 1.79
CA ALA D 50 17.16 2.96 1.53
C ALA D 50 18.19 2.72 0.41
N GLY D 51 18.85 3.76 -0.07
CA GLY D 51 19.63 3.56 -1.27
C GLY D 51 18.74 3.76 -2.49
N GLU D 52 19.31 3.58 -3.69
CA GLU D 52 18.68 4.11 -4.91
C GLU D 52 18.17 3.10 -5.91
N LEU D 53 16.85 2.93 -5.95
CA LEU D 53 16.23 2.09 -6.95
C LEU D 53 16.23 2.83 -8.27
N THR D 54 16.95 2.22 -9.20
CA THR D 54 17.20 2.85 -10.46
C THR D 54 16.17 2.49 -11.53
N SER D 55 15.18 3.36 -11.66
CA SER D 55 14.52 3.60 -12.93
C SER D 55 13.42 2.71 -13.48
N ASN D 56 12.70 3.33 -14.41
CA ASN D 56 12.22 2.62 -15.55
C ASN D 56 13.18 3.05 -16.67
N GLY D 57 13.58 4.32 -16.66
CA GLY D 57 14.59 4.80 -17.61
C GLY D 57 15.63 5.79 -17.10
N ARG D 58 15.30 7.07 -17.17
CA ARG D 58 16.22 8.14 -16.82
C ARG D 58 15.80 8.78 -15.49
N LEU D 59 14.99 8.01 -14.74
CA LEU D 59 14.40 8.45 -13.48
C LEU D 59 15.02 7.69 -12.33
N THR D 60 15.60 8.36 -11.34
CA THR D 60 16.15 7.60 -10.22
C THR D 60 15.49 8.10 -8.95
N ALA D 61 15.17 7.20 -8.02
CA ALA D 61 14.50 7.61 -6.80
C ALA D 61 15.14 7.05 -5.53
N GLN D 62 14.96 7.77 -4.45
CA GLN D 62 15.63 7.51 -3.19
C GLN D 62 14.60 7.57 -2.09
N PHE D 63 14.96 7.12 -0.90
CA PHE D 63 14.01 6.89 0.19
C PHE D 63 14.93 6.97 1.39
N GLY D 64 14.66 7.95 2.25
CA GLY D 64 15.55 8.31 3.37
C GLY D 64 15.74 7.20 4.38
N ILE D 65 16.88 7.20 5.08
CA ILE D 65 17.18 6.21 6.11
C ILE D 65 16.19 6.36 7.28
N THR D 66 15.87 7.60 7.61
CA THR D 66 14.89 7.93 8.63
C THR D 66 13.42 7.63 8.24
N ARG D 67 13.21 7.23 6.98
CA ARG D 67 11.91 6.88 6.40
C ARG D 67 10.86 7.99 6.35
N LYS D 68 11.30 9.24 6.42
CA LYS D 68 10.42 10.40 6.37
C LYS D 68 10.66 11.20 5.09
N ASP D 69 11.46 10.64 4.19
CA ASP D 69 12.05 11.38 3.08
C ASP D 69 12.11 10.56 1.82
N SER D 70 11.84 11.21 0.68
CA SER D 70 12.18 10.65 -0.62
C SER D 70 12.47 11.73 -1.65
N PHE D 71 13.22 11.38 -2.69
CA PHE D 71 13.36 12.29 -3.82
C PHE D 71 13.36 11.63 -5.18
N LEU D 72 13.09 12.44 -6.20
CA LEU D 72 13.04 11.99 -7.58
C LEU D 72 14.01 12.82 -8.39
N ASN D 73 14.81 12.13 -9.20
CA ASN D 73 15.65 12.79 -10.18
CA ASN D 73 15.66 12.80 -10.19
C ASN D 73 15.30 12.32 -11.57
N ILE D 74 15.09 13.25 -12.50
CA ILE D 74 14.93 12.86 -13.91
C ILE D 74 16.13 13.46 -14.60
N SER D 75 16.95 12.66 -15.23
CA SER D 75 18.08 13.26 -15.95
C SER D 75 17.85 13.28 -17.45
N ALA D 76 18.61 14.15 -18.14
CA ALA D 76 18.52 14.44 -19.59
C ALA D 76 17.08 14.53 -20.06
N SER D 77 16.42 15.62 -19.68
CA SER D 77 14.98 15.72 -19.88
C SER D 77 14.59 15.90 -21.33
N ILE D 78 13.30 15.71 -21.54
CA ILE D 78 12.76 15.42 -22.83
C ILE D 78 11.40 16.17 -22.82
N PRO D 79 10.93 16.64 -23.98
CA PRO D 79 9.65 17.38 -24.03
C PRO D 79 8.45 16.59 -23.56
N SER D 80 8.49 15.26 -23.72
CA SER D 80 7.37 14.43 -23.26
C SER D 80 7.35 14.19 -21.74
N ASP D 81 8.26 14.82 -21.00
CA ASP D 81 8.30 14.71 -19.55
C ASP D 81 7.42 15.70 -18.81
N VAL D 82 6.79 16.63 -19.55
CA VAL D 82 5.82 17.59 -18.97
C VAL D 82 4.66 16.88 -18.24
N GLY D 83 4.30 17.37 -17.06
CA GLY D 83 3.17 16.84 -16.34
C GLY D 83 3.28 17.17 -14.88
N ILE D 84 2.45 16.54 -14.06
CA ILE D 84 2.44 16.74 -12.62
C ILE D 84 2.98 15.47 -11.95
N TYR D 85 3.81 15.63 -10.94
CA TYR D 85 4.49 14.52 -10.29
C TYR D 85 4.14 14.41 -8.80
N PHE D 86 3.82 13.20 -8.34
CA PHE D 86 3.29 12.98 -6.99
C PHE D 86 4.12 11.97 -6.30
N CYS D 87 4.49 12.25 -5.06
CA CYS D 87 5.03 11.21 -4.21
C CYS D 87 3.93 10.64 -3.34
N ALA D 88 4.13 9.40 -2.90
CA ALA D 88 3.14 8.74 -2.05
C ALA D 88 3.82 7.97 -0.95
N GLY D 89 3.25 7.98 0.24
CA GLY D 89 3.82 7.23 1.33
C GLY D 89 2.80 6.29 1.95
N GLY D 90 3.18 5.02 2.12
CA GLY D 90 2.28 3.98 2.59
C GLY D 90 2.48 3.53 4.01
N THR D 91 1.36 3.41 4.73
CA THR D 91 1.42 3.18 6.16
C THR D 91 0.96 1.81 6.56
N GLY D 92 0.45 1.05 5.62
CA GLY D 92 0.17 -0.32 5.89
C GLY D 92 -0.80 -0.68 4.82
N ASN D 93 -1.78 0.17 4.66
CA ASN D 93 -3.03 -0.26 4.15
C ASN D 93 -3.60 0.94 3.42
N GLN D 94 -3.02 2.09 3.70
CA GLN D 94 -3.43 3.31 3.01
C GLN D 94 -2.24 4.17 2.57
N PHE D 95 -2.53 5.20 1.79
CA PHE D 95 -1.48 6.03 1.22
C PHE D 95 -1.77 7.52 1.36
N TYR D 96 -0.73 8.27 1.63
CA TYR D 96 -0.83 9.70 1.70
C TYR D 96 -0.05 10.27 0.57
N PHE D 97 -0.59 11.29 -0.07
CA PHE D 97 -0.03 11.78 -1.30
C PHE D 97 0.54 13.16 -1.10
N GLY D 98 1.60 13.46 -1.84
CA GLY D 98 2.16 14.81 -1.89
C GLY D 98 1.25 15.78 -2.63
N THR D 99 1.56 17.07 -2.57
CA THR D 99 0.70 18.09 -3.19
C THR D 99 0.91 18.19 -4.67
N GLY D 100 2.04 17.68 -5.14
CA GLY D 100 2.32 17.68 -6.58
C GLY D 100 3.39 18.70 -6.90
N THR D 101 4.28 18.34 -7.80
CA THR D 101 5.00 19.37 -8.54
C THR D 101 4.72 19.32 -10.03
N SER D 102 4.30 20.47 -10.56
CA SER D 102 4.05 20.61 -11.98
C SER D 102 5.34 20.92 -12.72
N LEU D 103 5.76 20.02 -13.61
CA LEU D 103 6.97 20.22 -14.40
C LEU D 103 6.55 20.68 -15.80
N THR D 104 7.18 21.77 -16.25
CA THR D 104 7.05 22.16 -17.64
C THR D 104 8.44 22.38 -18.25
N VAL D 105 8.57 22.03 -19.54
CA VAL D 105 9.87 21.90 -20.20
C VAL D 105 10.06 22.99 -21.26
N ILE D 106 11.02 23.88 -21.05
CA ILE D 106 11.32 24.89 -22.04
C ILE D 106 12.05 24.21 -23.21
N PRO D 107 11.52 24.36 -24.43
CA PRO D 107 12.10 23.65 -25.58
C PRO D 107 13.30 24.36 -26.24
N ASN D 108 14.27 23.58 -26.71
CA ASN D 108 15.46 24.11 -27.38
C ASN D 108 15.20 24.53 -28.82
N ILE D 109 15.35 25.82 -29.10
CA ILE D 109 14.98 26.39 -30.40
C ILE D 109 16.20 26.75 -31.26
N GLN D 110 16.33 26.00 -32.35
CA GLN D 110 17.46 26.06 -33.27
C GLN D 110 17.53 27.33 -34.10
N ASN D 111 16.50 27.56 -34.92
CA ASN D 111 16.53 28.67 -35.85
C ASN D 111 15.32 29.57 -35.73
N PRO D 112 15.36 30.48 -34.76
CA PRO D 112 14.21 31.30 -34.40
C PRO D 112 14.09 32.61 -35.19
N ASP D 113 13.12 32.71 -36.09
CA ASP D 113 12.82 34.02 -36.67
C ASP D 113 11.36 34.44 -36.46
N PRO D 114 11.15 35.21 -35.38
CA PRO D 114 9.88 35.75 -34.94
C PRO D 114 9.17 36.52 -36.06
N ALA D 115 7.86 36.31 -36.14
CA ALA D 115 7.02 36.92 -37.15
C ALA D 115 5.58 36.89 -36.66
N VAL D 116 4.82 37.87 -37.10
CA VAL D 116 3.39 37.90 -36.87
C VAL D 116 2.70 37.75 -38.23
N TYR D 117 1.82 36.75 -38.37
CA TYR D 117 1.09 36.54 -39.62
C TYR D 117 -0.41 36.76 -39.45
N GLN D 118 -1.10 37.11 -40.53
CA GLN D 118 -2.55 37.17 -40.46
C GLN D 118 -3.19 36.03 -41.22
N LEU D 119 -3.85 35.14 -40.48
CA LEU D 119 -4.49 33.98 -41.07
C LEU D 119 -5.99 34.26 -41.34
N ARG D 120 -6.52 33.72 -42.44
CA ARG D 120 -7.88 34.04 -42.85
C ARG D 120 -8.87 32.89 -42.72
N ASP D 121 -10.15 33.23 -42.55
CA ASP D 121 -11.21 32.25 -42.37
C ASP D 121 -11.55 31.50 -43.63
N SER D 122 -11.57 30.17 -43.51
CA SER D 122 -11.86 29.29 -44.64
C SER D 122 -13.33 29.29 -45.01
N LYS D 123 -14.20 29.70 -44.09
CA LYS D 123 -15.61 29.84 -44.45
C LYS D 123 -16.01 31.26 -44.85
N SER D 124 -15.49 31.67 -46.01
CA SER D 124 -15.74 32.97 -46.68
C SER D 124 -15.20 34.23 -45.99
N SER D 125 -15.73 34.51 -44.79
CA SER D 125 -15.71 35.86 -44.18
C SER D 125 -14.35 36.49 -43.86
N ASP D 126 -14.41 37.77 -43.45
CA ASP D 126 -13.24 38.50 -43.01
C ASP D 126 -13.07 38.46 -41.48
N LYS D 127 -13.54 37.35 -40.90
CA LYS D 127 -13.13 36.89 -39.58
C LYS D 127 -11.65 36.56 -39.69
N SER D 128 -10.81 37.29 -38.98
CA SER D 128 -9.36 37.11 -39.07
C SER D 128 -8.73 36.88 -37.71
N VAL D 129 -7.52 36.33 -37.73
CA VAL D 129 -6.79 35.89 -36.54
C VAL D 129 -5.32 36.19 -36.77
N CYS D 130 -4.66 36.85 -35.80
CA CYS D 130 -3.21 37.02 -35.86
C CYS D 130 -2.49 35.85 -35.22
N LEU D 131 -1.41 35.40 -35.83
CA LEU D 131 -0.56 34.37 -35.26
C LEU D 131 0.86 34.91 -35.08
N PHE D 132 1.39 34.76 -33.87
CA PHE D 132 2.76 35.13 -33.55
C PHE D 132 3.49 33.81 -33.46
N THR D 133 4.49 33.60 -34.31
CA THR D 133 5.17 32.31 -34.36
C THR D 133 6.69 32.45 -34.51
N ASP D 134 7.39 31.32 -34.32
CA ASP D 134 8.84 31.15 -34.53
C ASP D 134 9.74 32.01 -33.63
N PHE D 135 9.21 32.43 -32.50
CA PHE D 135 9.98 33.24 -31.58
C PHE D 135 10.85 32.34 -30.71
N ASP D 136 11.81 32.96 -30.04
CA ASP D 136 12.76 32.24 -29.22
C ASP D 136 12.05 31.77 -27.96
N SER D 137 12.64 30.80 -27.29
CA SER D 137 12.10 30.35 -26.01
C SER D 137 12.58 31.20 -24.83
N GLN D 138 13.35 32.24 -25.13
CA GLN D 138 13.60 33.30 -24.17
C GLN D 138 12.44 34.31 -24.15
N THR D 139 11.64 34.37 -25.23
CA THR D 139 10.57 35.36 -25.38
C THR D 139 9.32 35.04 -24.54
N ASN D 140 8.84 36.00 -23.75
CA ASN D 140 7.55 35.84 -23.06
C ASN D 140 6.40 36.46 -23.83
N VAL D 141 5.20 35.89 -23.70
CA VAL D 141 3.99 36.44 -24.34
C VAL D 141 2.98 36.94 -23.29
N SER D 142 2.85 38.25 -23.15
CA SER D 142 1.89 38.86 -22.21
C SER D 142 0.52 38.98 -22.86
N GLN D 143 -0.54 39.09 -22.06
CA GLN D 143 -1.90 39.09 -22.62
C GLN D 143 -2.86 40.16 -22.13
N SER D 144 -2.77 41.36 -22.74
CA SER D 144 -3.68 42.48 -22.43
C SER D 144 -3.75 43.56 -23.54
N LYS D 145 -4.99 43.88 -23.95
CA LYS D 145 -5.32 45.02 -24.81
C LYS D 145 -6.80 45.36 -24.52
N ASP D 146 -7.09 45.57 -23.23
CA ASP D 146 -8.45 45.45 -22.65
C ASP D 146 -9.14 44.10 -22.89
N SER D 147 -10.42 44.02 -22.52
CA SER D 147 -11.14 42.74 -22.46
C SER D 147 -11.62 42.19 -23.80
N ASP D 148 -11.51 42.99 -24.86
CA ASP D 148 -12.10 42.63 -26.14
C ASP D 148 -11.13 41.93 -27.08
N VAL D 149 -9.86 41.88 -26.67
CA VAL D 149 -8.80 41.24 -27.47
C VAL D 149 -8.17 40.07 -26.68
N TYR D 150 -8.16 38.89 -27.29
CA TYR D 150 -7.73 37.66 -26.60
C TYR D 150 -6.41 37.11 -27.09
N ILE D 151 -5.38 37.21 -26.27
CA ILE D 151 -4.10 36.62 -26.62
C ILE D 151 -3.93 35.34 -25.81
N THR D 152 -3.70 34.21 -26.48
CA THR D 152 -3.50 32.94 -25.79
C THR D 152 -2.09 32.80 -25.25
N ASP D 153 -1.87 31.74 -24.47
CA ASP D 153 -0.53 31.27 -24.12
C ASP D 153 0.28 30.79 -25.34
N LYS D 154 1.57 30.58 -25.09
CA LYS D 154 2.42 29.96 -26.09
C LYS D 154 2.35 28.44 -25.87
N CYS D 155 2.47 27.68 -26.94
CA CYS D 155 2.90 26.27 -26.84
C CYS D 155 3.83 25.90 -27.98
N VAL D 156 4.36 24.68 -27.89
CA VAL D 156 5.37 24.18 -28.81
C VAL D 156 4.81 23.13 -29.76
N LEU D 157 4.84 23.41 -31.05
CA LEU D 157 4.51 22.37 -32.00
C LEU D 157 5.80 21.71 -32.52
N ASP D 158 5.70 20.44 -32.89
CA ASP D 158 6.85 19.64 -33.27
C ASP D 158 6.67 19.04 -34.67
N MET D 159 7.52 19.47 -35.62
CA MET D 159 7.60 18.85 -36.94
C MET D 159 8.91 18.07 -37.05
N ARG D 160 8.92 16.84 -36.57
CA ARG D 160 10.19 16.12 -36.40
C ARG D 160 10.72 15.45 -37.68
N SER D 161 9.88 15.34 -38.69
CA SER D 161 10.35 14.89 -40.01
C SER D 161 10.99 16.02 -40.82
N MET D 162 11.03 17.22 -40.22
CA MET D 162 11.72 18.38 -40.76
C MET D 162 12.75 18.92 -39.78
N ASP D 163 12.94 18.19 -38.67
CA ASP D 163 13.87 18.51 -37.56
C ASP D 163 13.57 19.90 -36.97
N PHE D 164 12.30 20.14 -36.73
CA PHE D 164 11.83 21.48 -36.49
C PHE D 164 10.87 21.53 -35.32
N LYS D 165 11.14 22.47 -34.41
CA LYS D 165 10.20 22.82 -33.35
C LYS D 165 9.89 24.32 -33.47
N SER D 166 8.71 24.73 -33.04
CA SER D 166 8.34 26.15 -33.10
C SER D 166 7.34 26.51 -32.02
N ASN D 167 7.47 27.74 -31.52
CA ASN D 167 6.53 28.27 -30.57
C ASN D 167 5.45 29.10 -31.31
N SER D 168 4.28 29.24 -30.69
CA SER D 168 3.14 29.94 -31.32
C SER D 168 2.13 30.50 -30.32
N ALA D 169 1.73 31.75 -30.52
CA ALA D 169 0.62 32.30 -29.77
C ALA D 169 -0.38 32.85 -30.77
N VAL D 170 -1.64 32.88 -30.37
CA VAL D 170 -2.72 33.25 -31.27
C VAL D 170 -3.48 34.46 -30.70
N ALA D 171 -3.75 35.46 -31.53
CA ALA D 171 -4.61 36.57 -31.09
C ALA D 171 -5.74 36.87 -32.06
N TRP D 172 -6.89 37.30 -31.51
CA TRP D 172 -8.05 37.67 -32.33
C TRP D 172 -8.99 38.63 -31.60
N SER D 173 -9.76 39.40 -32.37
CA SER D 173 -10.81 40.27 -31.81
C SER D 173 -12.18 40.07 -32.44
N ASN D 174 -13.23 40.57 -31.77
CA ASN D 174 -14.63 40.31 -32.12
C ASN D 174 -15.09 40.84 -33.49
N LYS D 175 -15.30 42.17 -33.57
CA LYS D 175 -15.56 42.86 -34.84
C LYS D 175 -15.03 44.28 -34.70
N SER D 176 -13.70 44.40 -34.67
CA SER D 176 -13.06 45.66 -34.31
C SER D 176 -12.29 46.30 -35.47
N ASP D 177 -11.42 47.24 -35.13
CA ASP D 177 -10.43 47.77 -36.05
C ASP D 177 -9.05 47.39 -35.51
N PHE D 178 -9.00 46.22 -34.87
CA PHE D 178 -7.80 45.63 -34.31
C PHE D 178 -6.89 45.13 -35.42
N ALA D 179 -5.60 45.38 -35.30
CA ALA D 179 -4.65 44.96 -36.34
C ALA D 179 -3.51 44.11 -35.78
N CYS D 180 -2.73 43.49 -36.66
CA CYS D 180 -1.65 42.59 -36.26
C CYS D 180 -0.34 43.27 -35.83
N ALA D 181 -0.28 44.59 -35.90
CA ALA D 181 0.84 45.32 -35.33
C ALA D 181 0.41 45.86 -33.98
N ASN D 182 -0.89 46.20 -33.89
CA ASN D 182 -1.53 46.60 -32.64
C ASN D 182 -2.07 45.37 -31.91
N ALA D 183 -1.21 44.36 -31.78
CA ALA D 183 -1.61 43.08 -31.25
C ALA D 183 -0.62 42.66 -30.18
N PHE D 184 0.67 42.69 -30.51
CA PHE D 184 1.70 42.18 -29.62
C PHE D 184 2.73 43.21 -29.16
N ASN D 185 2.39 44.49 -29.25
CA ASN D 185 3.26 45.53 -28.70
C ASN D 185 3.10 45.70 -27.17
N ASN D 186 2.15 44.95 -26.60
CA ASN D 186 2.04 44.75 -25.16
C ASN D 186 3.11 43.78 -24.66
N SER D 187 3.56 42.90 -25.55
CA SER D 187 4.62 41.92 -25.26
C SER D 187 6.01 42.46 -25.56
N ILE D 188 7.03 41.76 -25.08
CA ILE D 188 8.42 42.07 -25.39
C ILE D 188 8.91 41.24 -26.58
N ILE D 189 8.42 41.60 -27.76
CA ILE D 189 8.77 40.95 -29.03
C ILE D 189 10.22 41.27 -29.42
N PRO D 190 10.92 40.37 -30.15
CA PRO D 190 12.33 40.58 -30.55
C PRO D 190 12.62 41.66 -31.61
N GLU D 191 13.15 41.25 -32.76
CA GLU D 191 13.23 42.12 -33.93
C GLU D 191 12.75 41.34 -35.15
N ASP D 192 11.46 41.45 -35.43
CA ASP D 192 10.69 40.44 -36.17
C ASP D 192 10.17 40.84 -37.55
N THR D 193 9.30 39.98 -38.12
CA THR D 193 8.76 40.17 -39.47
C THR D 193 7.28 40.50 -39.46
N PHE D 194 6.90 41.43 -40.33
CA PHE D 194 5.50 41.73 -40.58
C PHE D 194 5.34 41.65 -42.09
N PHE D 195 4.17 42.05 -42.59
CA PHE D 195 3.90 42.21 -44.03
C PHE D 195 2.74 43.18 -44.14
N ALA E 1 -7.81 -4.77 -19.73
CA ALA E 1 -8.33 -3.36 -19.81
C ALA E 1 -8.51 -2.68 -18.44
N GLY E 2 -7.68 -3.08 -17.46
CA GLY E 2 -7.53 -2.47 -16.11
C GLY E 2 -8.73 -2.01 -15.29
N ILE E 3 -8.93 -0.70 -15.24
CA ILE E 3 -10.01 -0.05 -14.50
C ILE E 3 -10.79 0.81 -15.48
N THR E 4 -12.10 0.85 -15.32
CA THR E 4 -12.94 1.67 -16.16
C THR E 4 -13.80 2.55 -15.28
N GLN E 5 -13.89 3.83 -15.60
CA GLN E 5 -14.86 4.68 -14.92
C GLN E 5 -16.00 5.01 -15.87
N SER E 6 -17.20 5.09 -15.32
CA SER E 6 -18.34 5.53 -16.08
C SER E 6 -19.17 6.39 -15.13
N PRO E 7 -19.63 7.56 -15.63
CA PRO E 7 -19.31 8.12 -16.93
C PRO E 7 -17.92 8.77 -16.88
N ARG E 8 -17.39 9.19 -18.03
CA ARG E 8 -16.09 9.84 -18.01
C ARG E 8 -16.31 11.34 -17.85
N HIS E 9 -17.54 11.77 -18.17
CA HIS E 9 -17.93 13.18 -18.15
C HIS E 9 -19.42 13.29 -17.82
N LYS E 10 -19.76 14.23 -16.94
CA LYS E 10 -21.17 14.47 -16.64
C LYS E 10 -21.32 15.93 -16.26
N VAL E 11 -22.29 16.58 -16.89
CA VAL E 11 -22.62 17.96 -16.56
C VAL E 11 -24.04 17.93 -16.09
N THR E 12 -24.26 18.27 -14.82
CA THR E 12 -25.62 18.17 -14.27
C THR E 12 -25.95 19.32 -13.30
N GLU E 13 -27.22 19.50 -12.92
CA GLU E 13 -27.50 20.63 -12.02
C GLU E 13 -27.59 20.27 -10.56
N THR E 14 -27.62 21.31 -9.74
CA THR E 14 -27.63 21.20 -8.29
C THR E 14 -28.88 20.48 -7.81
N GLY E 15 -28.70 19.50 -6.95
CA GLY E 15 -29.81 18.78 -6.33
C GLY E 15 -30.02 17.40 -6.91
N THR E 16 -29.46 17.19 -8.10
CA THR E 16 -29.58 15.93 -8.83
C THR E 16 -28.74 14.85 -8.18
N PRO E 17 -29.28 13.64 -8.06
CA PRO E 17 -28.45 12.52 -7.65
C PRO E 17 -27.48 12.16 -8.77
N VAL E 18 -26.22 11.89 -8.42
CA VAL E 18 -25.22 11.43 -9.37
C VAL E 18 -24.50 10.17 -8.85
N THR E 19 -24.41 9.13 -9.66
CA THR E 19 -23.58 7.98 -9.31
C THR E 19 -22.39 7.88 -10.25
N LEU E 20 -21.20 7.73 -9.69
CA LEU E 20 -20.06 7.37 -10.51
C LEU E 20 -19.73 5.90 -10.26
N ARG E 21 -19.49 5.19 -11.34
CA ARG E 21 -19.30 3.75 -11.28
C ARG E 21 -17.86 3.42 -11.65
N CYS E 22 -17.24 2.52 -10.89
CA CYS E 22 -15.87 2.10 -11.17
C CYS E 22 -15.80 0.60 -11.24
N HIS E 23 -15.20 0.10 -12.30
CA HIS E 23 -15.20 -1.31 -12.54
C HIS E 23 -13.78 -1.84 -12.78
N GLN E 24 -13.46 -2.97 -12.15
CA GLN E 24 -12.22 -3.68 -12.38
C GLN E 24 -12.44 -5.18 -12.59
N THR E 25 -11.60 -5.82 -13.39
CA THR E 25 -11.74 -7.24 -13.68
C THR E 25 -11.05 -8.11 -12.65
N GLU E 26 -9.82 -7.72 -12.32
CA GLU E 26 -8.75 -8.60 -11.83
C GLU E 26 -9.11 -9.65 -10.79
N ASN E 27 -9.87 -9.21 -9.77
CA ASN E 27 -10.69 -9.99 -8.79
C ASN E 27 -10.73 -9.29 -7.44
N HIS E 28 -10.25 -9.98 -6.41
CA HIS E 28 -10.42 -9.60 -5.02
C HIS E 28 -9.37 -8.58 -4.66
N ARG E 29 -9.83 -7.36 -4.33
CA ARG E 29 -8.94 -6.25 -4.00
C ARG E 29 -9.55 -5.03 -3.30
N TYR E 30 -8.67 -4.12 -2.90
CA TYR E 30 -9.07 -2.93 -2.20
C TYR E 30 -9.40 -1.87 -3.23
N MET E 31 -10.50 -1.14 -3.00
CA MET E 31 -10.93 -0.08 -3.92
C MET E 31 -11.16 1.26 -3.21
N TYR E 32 -10.87 2.37 -3.92
CA TYR E 32 -10.81 3.69 -3.30
C TYR E 32 -11.39 4.71 -4.25
N TRP E 33 -12.20 5.65 -3.75
CA TRP E 33 -12.65 6.80 -4.54
C TRP E 33 -12.00 8.07 -4.01
N TYR E 34 -11.25 8.74 -4.88
CA TYR E 34 -10.55 10.00 -4.55
C TYR E 34 -11.09 11.15 -5.37
N ARG E 35 -10.87 12.36 -4.91
CA ARG E 35 -11.07 13.52 -5.77
C ARG E 35 -9.82 14.41 -5.88
N GLN E 36 -9.68 15.05 -7.03
CA GLN E 36 -8.53 15.90 -7.30
C GLN E 36 -8.95 17.36 -7.44
N ASP E 37 -8.28 18.23 -6.68
CA ASP E 37 -8.62 19.66 -6.65
C ASP E 37 -7.33 20.47 -6.68
N PRO E 38 -7.27 21.49 -7.55
CA PRO E 38 -6.12 22.36 -7.80
C PRO E 38 -5.17 22.68 -6.65
N GLY E 39 -5.66 22.90 -5.44
CA GLY E 39 -4.74 23.14 -4.31
C GLY E 39 -4.55 21.94 -3.39
N HIS E 40 -5.59 21.12 -3.29
CA HIS E 40 -5.63 20.12 -2.24
C HIS E 40 -4.95 18.79 -2.61
N GLY E 41 -4.84 18.51 -3.91
CA GLY E 41 -4.32 17.23 -4.41
C GLY E 41 -5.37 16.13 -4.44
N LEU E 42 -4.92 14.89 -4.30
CA LEU E 42 -5.85 13.80 -4.12
C LEU E 42 -6.29 13.68 -2.64
N ARG E 43 -7.57 13.93 -2.39
CA ARG E 43 -8.19 13.67 -1.10
C ARG E 43 -9.13 12.47 -1.23
N LEU E 44 -9.11 11.58 -0.24
CA LEU E 44 -9.86 10.34 -0.27
C LEU E 44 -11.29 10.56 0.21
N ILE E 45 -12.25 9.98 -0.50
CA ILE E 45 -13.64 10.15 -0.12
C ILE E 45 -14.14 8.93 0.66
N HIS E 46 -13.97 7.76 0.05
CA HIS E 46 -14.41 6.51 0.65
C HIS E 46 -13.50 5.38 0.15
N TYR E 47 -13.39 4.32 0.94
CA TYR E 47 -12.63 3.13 0.53
C TYR E 47 -13.38 1.84 0.84
N SER E 48 -12.81 0.70 0.43
CA SER E 48 -13.46 -0.59 0.56
C SER E 48 -12.50 -1.79 0.62
N TYR E 49 -12.60 -2.58 1.68
CA TYR E 49 -11.77 -3.76 1.81
C TYR E 49 -12.40 -4.95 1.08
N GLY E 50 -13.71 -4.96 1.05
CA GLY E 50 -14.42 -6.03 0.40
C GLY E 50 -15.88 -5.70 0.27
N VAL E 51 -16.67 -6.72 0.00
CA VAL E 51 -18.09 -6.61 -0.25
C VAL E 51 -18.78 -6.13 1.03
N LYS E 52 -19.70 -5.17 0.88
CA LYS E 52 -20.55 -4.63 1.95
C LYS E 52 -19.75 -4.02 3.11
N ASP E 53 -18.55 -3.54 2.80
CA ASP E 53 -17.56 -3.17 3.79
C ASP E 53 -16.80 -1.93 3.34
N THR E 54 -17.32 -0.77 3.73
CA THR E 54 -16.80 0.51 3.30
C THR E 54 -16.47 1.43 4.47
N ASP E 55 -15.51 2.33 4.30
CA ASP E 55 -15.26 3.36 5.33
C ASP E 55 -14.92 4.72 4.75
N LYS E 56 -15.05 5.75 5.59
CA LYS E 56 -14.89 7.14 5.16
C LYS E 56 -13.46 7.61 4.96
N GLY E 57 -13.27 8.54 4.03
CA GLY E 57 -11.99 9.21 3.85
C GLY E 57 -12.01 10.56 4.54
N GLU E 58 -11.15 11.47 4.09
CA GLU E 58 -11.01 12.78 4.73
C GLU E 58 -12.14 13.73 4.35
N VAL E 59 -12.82 13.46 3.24
CA VAL E 59 -13.86 14.36 2.74
C VAL E 59 -15.10 13.64 2.27
N SER E 60 -15.72 12.86 3.14
CA SER E 60 -16.80 12.00 2.73
C SER E 60 -18.16 12.70 2.59
N ASP E 61 -18.29 13.93 3.11
CA ASP E 61 -19.59 14.63 3.20
C ASP E 61 -20.28 14.94 1.87
N GLY E 62 -21.55 14.54 1.77
CA GLY E 62 -22.30 14.66 0.53
C GLY E 62 -22.04 13.52 -0.44
N TYR E 63 -21.49 12.41 0.07
CA TYR E 63 -21.20 11.22 -0.75
C TYR E 63 -21.58 9.91 -0.07
N SER E 64 -21.95 8.92 -0.85
CA SER E 64 -22.14 7.58 -0.31
C SER E 64 -21.42 6.64 -1.22
N VAL E 65 -21.38 5.39 -0.81
CA VAL E 65 -20.59 4.43 -1.49
C VAL E 65 -21.14 3.00 -1.26
N SER E 66 -20.87 2.10 -2.20
CA SER E 66 -21.54 0.80 -2.22
C SER E 66 -20.65 -0.23 -2.91
N ARG E 67 -20.52 -1.40 -2.30
CA ARG E 67 -19.71 -2.48 -2.87
C ARG E 67 -20.52 -3.78 -2.81
N SER E 68 -21.31 -4.01 -3.85
CA SER E 68 -22.17 -5.17 -3.89
C SER E 68 -21.43 -6.37 -4.45
N LYS E 69 -20.57 -6.12 -5.43
CA LYS E 69 -19.72 -7.17 -5.98
C LYS E 69 -18.29 -6.68 -5.82
N THR E 70 -17.32 -7.60 -5.90
CA THR E 70 -15.91 -7.24 -5.78
C THR E 70 -15.46 -6.33 -6.95
N GLU E 71 -16.04 -6.58 -8.12
CA GLU E 71 -15.73 -5.81 -9.31
C GLU E 71 -16.19 -4.36 -9.29
N ASP E 72 -17.24 -4.05 -8.53
CA ASP E 72 -17.83 -2.69 -8.61
C ASP E 72 -17.77 -1.85 -7.32
N PHE E 73 -17.45 -0.57 -7.47
CA PHE E 73 -17.40 0.35 -6.35
C PHE E 73 -18.13 1.64 -6.76
N LEU E 74 -19.37 1.80 -6.33
CA LEU E 74 -20.21 2.90 -6.79
C LEU E 74 -20.12 4.13 -5.91
N LEU E 75 -19.63 5.24 -6.43
CA LEU E 75 -19.65 6.47 -5.67
C LEU E 75 -20.97 7.17 -5.97
N THR E 76 -21.75 7.45 -4.93
CA THR E 76 -23.03 8.11 -5.17
C THR E 76 -23.18 9.43 -4.40
N LEU E 77 -23.74 10.44 -5.08
CA LEU E 77 -23.91 11.81 -4.58
C LEU E 77 -25.39 12.15 -4.60
N GLU E 78 -26.05 12.08 -3.45
CA GLU E 78 -27.51 12.04 -3.37
C GLU E 78 -28.23 13.36 -3.69
N SER E 79 -27.52 14.46 -3.50
CA SER E 79 -28.01 15.77 -3.89
C SER E 79 -26.81 16.64 -4.21
N ALA E 80 -26.34 16.58 -5.46
CA ALA E 80 -25.12 17.25 -5.89
C ALA E 80 -25.06 18.74 -5.59
N THR E 81 -24.01 19.15 -4.91
CA THR E 81 -23.80 20.54 -4.59
C THR E 81 -22.74 21.03 -5.54
N SER E 82 -22.60 22.35 -5.67
CA SER E 82 -21.70 22.93 -6.66
C SER E 82 -20.24 22.78 -6.27
N SER E 83 -19.97 22.56 -4.99
CA SER E 83 -18.61 22.36 -4.47
C SER E 83 -18.04 20.99 -4.82
N GLN E 84 -18.87 20.12 -5.40
CA GLN E 84 -18.44 18.77 -5.72
C GLN E 84 -18.08 18.65 -7.19
N THR E 85 -18.13 19.79 -7.89
CA THR E 85 -17.49 19.93 -9.16
C THR E 85 -16.02 19.55 -8.95
N SER E 86 -15.54 18.55 -9.68
CA SER E 86 -14.18 18.04 -9.48
C SER E 86 -13.81 17.08 -10.59
N VAL E 87 -12.60 16.55 -10.46
CA VAL E 87 -12.15 15.39 -11.22
C VAL E 87 -12.01 14.25 -10.21
N TYR E 88 -12.66 13.13 -10.49
CA TYR E 88 -12.79 12.03 -9.54
C TYR E 88 -12.02 10.81 -10.01
N PHE E 89 -11.31 10.15 -9.11
CA PHE E 89 -10.49 9.02 -9.52
C PHE E 89 -10.75 7.79 -8.68
N CYS E 90 -10.90 6.67 -9.37
CA CYS E 90 -11.02 5.39 -8.73
C CYS E 90 -9.62 4.77 -8.63
N ALA E 91 -9.31 4.13 -7.51
CA ALA E 91 -8.02 3.44 -7.40
C ALA E 91 -8.10 2.02 -6.84
N ILE E 92 -7.00 1.29 -6.98
CA ILE E 92 -7.00 -0.15 -6.84
C ILE E 92 -5.72 -0.58 -6.16
N SER E 93 -5.85 -1.43 -5.15
CA SER E 93 -4.73 -1.96 -4.42
C SER E 93 -4.96 -3.43 -4.24
N GLU E 94 -3.90 -4.22 -4.39
CA GLU E 94 -3.97 -5.63 -4.02
C GLU E 94 -4.03 -5.83 -2.52
N VAL E 95 -4.68 -6.91 -2.12
CA VAL E 95 -4.85 -7.23 -0.71
C VAL E 95 -3.55 -7.68 -0.10
N GLY E 96 -3.08 -6.90 0.86
CA GLY E 96 -1.83 -7.19 1.53
C GLY E 96 -1.39 -6.03 2.37
N VAL E 97 -0.12 -5.97 2.70
CA VAL E 97 0.37 -4.86 3.49
C VAL E 97 1.36 -4.05 2.66
N GLY E 98 1.06 -2.76 2.47
CA GLY E 98 1.93 -1.84 1.77
C GLY E 98 1.96 -1.98 0.27
N GLN E 99 0.85 -2.42 -0.31
CA GLN E 99 0.76 -2.60 -1.75
C GLN E 99 0.43 -1.29 -2.47
N PRO E 100 1.07 -1.03 -3.63
CA PRO E 100 0.84 0.19 -4.43
C PRO E 100 -0.57 0.34 -5.04
N GLN E 101 -1.08 1.56 -5.07
CA GLN E 101 -2.39 1.82 -5.61
C GLN E 101 -2.32 2.19 -7.08
N HIS E 102 -3.10 1.52 -7.94
CA HIS E 102 -3.10 1.85 -9.37
C HIS E 102 -4.40 2.60 -9.68
N PHE E 103 -4.33 3.62 -10.52
CA PHE E 103 -5.46 4.53 -10.67
C PHE E 103 -6.23 4.41 -11.98
N GLY E 104 -7.53 4.72 -11.92
CA GLY E 104 -8.37 4.82 -13.12
C GLY E 104 -8.05 6.05 -13.96
N ASP E 105 -8.82 6.29 -15.01
CA ASP E 105 -8.51 7.35 -15.97
C ASP E 105 -9.18 8.68 -15.65
N GLY E 106 -10.11 8.66 -14.70
CA GLY E 106 -10.74 9.88 -14.23
C GLY E 106 -12.14 10.14 -14.73
N THR E 107 -12.95 10.76 -13.88
CA THR E 107 -14.28 11.21 -14.24
C THR E 107 -14.40 12.68 -13.90
N ARG E 108 -14.73 13.48 -14.91
CA ARG E 108 -14.83 14.92 -14.73
C ARG E 108 -16.28 15.36 -14.62
N LEU E 109 -16.63 15.93 -13.47
CA LEU E 109 -18.01 16.19 -13.13
C LEU E 109 -18.26 17.68 -12.88
N SER E 110 -19.16 18.27 -13.66
CA SER E 110 -19.55 19.68 -13.49
C SER E 110 -20.97 19.78 -12.92
N ILE E 111 -21.08 20.49 -11.80
CA ILE E 111 -22.36 20.69 -11.12
C ILE E 111 -22.68 22.17 -11.07
N LEU E 112 -23.81 22.54 -11.68
CA LEU E 112 -24.10 23.94 -12.00
C LEU E 112 -25.40 24.40 -11.36
N GLU E 113 -25.45 25.68 -10.99
CA GLU E 113 -26.65 26.20 -10.36
C GLU E 113 -27.78 26.37 -11.38
N ASP E 114 -27.40 26.65 -12.63
CA ASP E 114 -28.34 26.83 -13.70
C ASP E 114 -27.84 26.13 -14.96
N LEU E 115 -28.68 25.28 -15.52
CA LEU E 115 -28.35 24.58 -16.76
C LEU E 115 -28.55 25.43 -17.99
N ASN E 116 -29.05 26.65 -17.85
CA ASN E 116 -29.28 27.53 -19.01
C ASN E 116 -28.02 28.24 -19.50
N LYS E 117 -26.93 28.11 -18.75
CA LYS E 117 -25.67 28.74 -19.17
C LYS E 117 -24.72 27.73 -19.84
N VAL E 118 -25.21 26.52 -20.08
CA VAL E 118 -24.50 25.54 -20.88
C VAL E 118 -24.62 25.89 -22.37
N PHE E 119 -23.48 26.03 -23.04
CA PHE E 119 -23.38 26.33 -24.49
C PHE E 119 -22.41 25.39 -25.20
N PRO E 120 -22.73 24.96 -26.44
CA PRO E 120 -21.81 24.15 -27.25
C PRO E 120 -20.69 25.02 -27.87
N PRO E 121 -19.72 24.40 -28.56
CA PRO E 121 -18.76 25.30 -29.18
C PRO E 121 -19.06 25.65 -30.63
N GLU E 122 -18.69 26.86 -31.04
CA GLU E 122 -18.59 27.15 -32.46
C GLU E 122 -17.13 26.99 -32.85
N VAL E 123 -16.90 26.14 -33.85
CA VAL E 123 -15.58 25.78 -34.30
C VAL E 123 -15.30 26.37 -35.67
N ALA E 124 -14.20 27.08 -35.80
CA ALA E 124 -13.76 27.62 -37.08
C ALA E 124 -12.33 27.17 -37.33
N VAL E 125 -11.95 27.14 -38.61
CA VAL E 125 -10.59 26.82 -39.04
C VAL E 125 -10.00 27.97 -39.89
N PHE E 126 -8.74 28.32 -39.66
CA PHE E 126 -8.14 29.43 -40.38
C PHE E 126 -6.91 28.99 -41.18
N GLU E 127 -6.88 29.35 -42.47
CA GLU E 127 -5.87 28.91 -43.43
C GLU E 127 -4.58 29.73 -43.30
N PRO E 128 -3.41 29.10 -43.60
CA PRO E 128 -2.11 29.76 -43.47
C PRO E 128 -1.90 30.95 -44.39
N SER E 129 -1.01 31.86 -43.98
CA SER E 129 -0.84 33.15 -44.65
C SER E 129 0.18 33.11 -45.78
N GLU E 130 -0.05 33.95 -46.79
CA GLU E 130 0.80 34.17 -47.96
C GLU E 130 2.23 34.48 -47.57
N ALA E 131 2.37 35.33 -46.54
CA ALA E 131 3.64 35.69 -45.96
C ALA E 131 4.38 34.49 -45.38
N GLU E 132 3.66 33.62 -44.67
CA GLU E 132 4.26 32.42 -44.04
C GLU E 132 4.81 31.41 -45.05
N ILE E 133 4.14 31.29 -46.19
CA ILE E 133 4.56 30.40 -47.25
C ILE E 133 5.88 30.91 -47.85
N SER E 134 5.97 32.23 -48.02
CA SER E 134 7.12 32.84 -48.66
C SER E 134 8.26 33.17 -47.70
N HIS E 135 8.02 33.12 -46.40
CA HIS E 135 9.06 33.48 -45.42
C HIS E 135 9.78 32.25 -44.89
N THR E 136 9.03 31.17 -44.68
CA THR E 136 9.54 30.05 -43.92
C THR E 136 9.42 28.71 -44.65
N GLN E 137 8.73 28.75 -45.79
CA GLN E 137 8.30 27.55 -46.53
C GLN E 137 7.44 26.58 -45.71
N LYS E 138 6.74 27.12 -44.71
CA LYS E 138 5.85 26.34 -43.88
C LYS E 138 4.49 27.01 -43.87
N ALA E 139 3.55 26.38 -43.15
CA ALA E 139 2.14 26.71 -43.26
C ALA E 139 1.38 26.26 -42.00
N THR E 140 0.81 27.21 -41.27
CA THR E 140 0.12 26.92 -40.02
C THR E 140 -1.38 27.18 -40.08
N LEU E 141 -2.17 26.18 -39.70
CA LEU E 141 -3.61 26.31 -39.64
C LEU E 141 -4.04 26.48 -38.19
N VAL E 142 -4.75 27.54 -37.84
CA VAL E 142 -5.34 27.57 -36.50
C VAL E 142 -6.80 27.16 -36.46
N CYS E 143 -7.14 26.53 -35.34
CA CYS E 143 -8.51 26.15 -35.08
C CYS E 143 -9.00 26.92 -33.87
N LEU E 144 -10.08 27.68 -34.03
CA LEU E 144 -10.69 28.32 -32.88
C LEU E 144 -11.93 27.55 -32.49
N ALA E 145 -12.09 27.32 -31.19
CA ALA E 145 -13.32 26.79 -30.67
C ALA E 145 -13.82 27.82 -29.68
N THR E 146 -14.87 28.55 -30.05
CA THR E 146 -15.28 29.70 -29.22
C THR E 146 -16.62 29.50 -28.52
N GLY E 147 -16.83 30.28 -27.45
CA GLY E 147 -18.12 30.42 -26.76
C GLY E 147 -18.78 29.21 -26.12
N PHE E 148 -18.01 28.31 -25.51
CA PHE E 148 -18.59 27.13 -24.85
C PHE E 148 -18.55 27.21 -23.32
N TYR E 149 -19.57 26.68 -22.67
CA TYR E 149 -19.58 26.51 -21.22
C TYR E 149 -20.28 25.19 -20.92
N PRO E 150 -19.74 24.39 -19.98
CA PRO E 150 -18.49 24.52 -19.25
C PRO E 150 -17.33 24.01 -20.07
N ASP E 151 -16.13 23.97 -19.50
CA ASP E 151 -14.96 23.66 -20.32
C ASP E 151 -14.61 22.17 -20.43
N HIS E 152 -15.59 21.40 -20.86
CA HIS E 152 -15.40 19.99 -21.08
C HIS E 152 -15.19 19.75 -22.57
N VAL E 153 -14.03 20.12 -23.12
CA VAL E 153 -13.82 19.90 -24.57
C VAL E 153 -12.59 19.07 -24.95
N GLU E 154 -12.63 18.43 -26.11
CA GLU E 154 -11.52 17.59 -26.59
C GLU E 154 -11.26 17.88 -28.05
N LEU E 155 -10.13 18.52 -28.32
CA LEU E 155 -9.81 18.97 -29.67
C LEU E 155 -8.88 18.03 -30.43
N SER E 156 -9.33 17.54 -31.57
CA SER E 156 -8.49 16.67 -32.39
C SER E 156 -8.43 17.22 -33.82
N TRP E 157 -7.26 17.09 -34.44
CA TRP E 157 -6.98 17.49 -35.83
C TRP E 157 -6.96 16.24 -36.71
N TRP E 158 -7.52 16.35 -37.91
CA TRP E 158 -7.65 15.21 -38.81
C TRP E 158 -7.18 15.53 -40.24
N VAL E 159 -6.10 14.90 -40.69
CA VAL E 159 -5.64 15.05 -42.10
C VAL E 159 -5.96 13.80 -42.94
N ASN E 160 -6.73 14.03 -43.99
CA ASN E 160 -7.28 12.96 -44.86
C ASN E 160 -7.94 11.76 -44.18
N GLY E 161 -8.62 11.97 -43.06
CA GLY E 161 -9.32 10.90 -42.36
C GLY E 161 -8.54 10.25 -41.21
N LYS E 162 -7.26 10.64 -41.05
CA LYS E 162 -6.48 10.10 -39.94
C LYS E 162 -6.23 11.18 -38.90
N GLU E 163 -6.38 10.82 -37.62
CA GLU E 163 -6.12 11.76 -36.54
C GLU E 163 -4.62 11.91 -36.32
N VAL E 164 -4.11 13.13 -36.44
CA VAL E 164 -2.66 13.34 -36.34
C VAL E 164 -2.18 14.12 -35.10
N HIS E 165 -0.91 13.88 -34.76
CA HIS E 165 -0.30 14.46 -33.57
C HIS E 165 0.93 15.34 -33.89
N SER E 166 1.67 15.00 -34.94
CA SER E 166 2.84 15.79 -35.31
C SER E 166 2.41 17.08 -35.98
N GLY E 167 2.97 18.19 -35.51
CA GLY E 167 2.67 19.51 -36.04
C GLY E 167 1.61 20.20 -35.21
N VAL E 168 1.06 19.51 -34.22
CA VAL E 168 0.07 20.16 -33.38
C VAL E 168 0.54 20.56 -31.97
N CYS E 169 -0.03 21.67 -31.48
CA CYS E 169 -0.19 21.87 -30.07
C CYS E 169 -1.51 22.57 -29.85
N THR E 170 -2.21 22.14 -28.80
CA THR E 170 -3.42 22.79 -28.34
C THR E 170 -3.09 23.45 -27.01
N ASP E 171 -3.65 24.65 -26.81
CA ASP E 171 -3.55 25.39 -25.56
C ASP E 171 -3.86 24.54 -24.36
N PRO E 172 -2.97 24.57 -23.36
CA PRO E 172 -3.08 23.70 -22.20
C PRO E 172 -4.34 23.95 -21.38
N GLN E 173 -4.80 25.20 -21.30
CA GLN E 173 -6.04 25.57 -20.60
C GLN E 173 -6.80 26.62 -21.43
N PRO E 174 -8.14 26.59 -21.40
CA PRO E 174 -8.93 27.56 -22.15
C PRO E 174 -8.98 28.97 -21.56
N LEU E 175 -9.20 29.94 -22.43
CA LEU E 175 -9.32 31.37 -22.10
C LEU E 175 -10.74 31.72 -21.72
N LYS E 176 -10.89 32.58 -20.73
CA LYS E 176 -12.20 33.17 -20.45
C LYS E 176 -12.51 34.28 -21.48
N GLU E 177 -13.71 34.23 -22.05
CA GLU E 177 -14.11 35.23 -23.03
C GLU E 177 -14.64 36.49 -22.40
N GLN E 178 -15.51 36.35 -21.41
CA GLN E 178 -16.08 37.54 -20.81
C GLN E 178 -15.81 37.58 -19.31
N PRO E 179 -14.57 37.91 -18.90
CA PRO E 179 -14.10 37.69 -17.52
C PRO E 179 -14.72 38.58 -16.43
N ALA E 180 -15.58 39.51 -16.83
CA ALA E 180 -16.36 40.31 -15.90
C ALA E 180 -17.65 39.61 -15.50
N LEU E 181 -18.04 38.56 -16.25
CA LEU E 181 -19.18 37.75 -15.85
C LEU E 181 -18.65 36.47 -15.22
N ASN E 182 -19.43 35.87 -14.33
CA ASN E 182 -18.94 34.75 -13.55
C ASN E 182 -19.07 33.42 -14.29
N ASP E 183 -20.06 33.33 -15.16
CA ASP E 183 -20.34 32.08 -15.81
C ASP E 183 -20.02 32.22 -17.28
N SER E 184 -18.91 32.93 -17.52
CA SER E 184 -18.44 33.29 -18.84
C SER E 184 -18.06 32.08 -19.67
N ARG E 185 -18.33 32.20 -20.97
CA ARG E 185 -18.03 31.13 -21.90
C ARG E 185 -16.56 31.19 -22.25
N TYR E 186 -16.06 30.12 -22.86
CA TYR E 186 -14.63 29.87 -22.94
C TYR E 186 -14.16 29.75 -24.38
N ALA E 187 -12.89 30.06 -24.62
CA ALA E 187 -12.32 29.83 -25.95
C ALA E 187 -11.09 28.94 -25.89
N LEU E 188 -10.84 28.18 -26.96
CA LEU E 188 -9.67 27.31 -27.00
C LEU E 188 -9.11 27.22 -28.40
N SER E 189 -7.82 27.48 -28.55
CA SER E 189 -7.22 27.38 -29.86
C SER E 189 -6.26 26.21 -29.96
N SER E 190 -5.94 25.86 -31.21
CA SER E 190 -4.93 24.85 -31.49
C SER E 190 -4.35 25.12 -32.85
N ARG E 191 -3.15 24.63 -33.10
CA ARG E 191 -2.45 24.93 -34.32
C ARG E 191 -2.03 23.60 -34.95
N LEU E 192 -2.12 23.51 -36.28
CA LEU E 192 -1.55 22.41 -37.02
C LEU E 192 -0.61 22.99 -38.05
N ARG E 193 0.62 22.51 -38.05
CA ARG E 193 1.57 23.00 -39.03
C ARG E 193 2.02 21.88 -39.97
N VAL E 194 2.08 22.19 -41.26
CA VAL E 194 2.65 21.30 -42.25
C VAL E 194 3.58 22.08 -43.16
N SER E 195 4.22 21.40 -44.11
CA SER E 195 5.04 22.05 -45.12
C SER E 195 4.14 22.79 -46.09
N ALA E 196 4.71 23.78 -46.76
CA ALA E 196 3.96 24.59 -47.74
C ALA E 196 3.64 23.78 -48.98
N THR E 197 4.50 22.81 -49.30
CA THR E 197 4.24 21.81 -50.32
C THR E 197 2.96 21.03 -50.01
N PHE E 198 2.83 20.59 -48.76
CA PHE E 198 1.67 19.79 -48.32
C PHE E 198 0.33 20.56 -48.38
N TRP E 199 0.35 21.80 -47.90
CA TRP E 199 -0.84 22.67 -47.92
C TRP E 199 -1.23 23.10 -49.36
N GLN E 200 -0.23 23.20 -50.25
CA GLN E 200 -0.50 23.56 -51.64
C GLN E 200 -0.79 22.39 -52.56
N ASP E 201 -1.05 21.21 -51.97
CA ASP E 201 -1.49 20.03 -52.71
C ASP E 201 -2.99 19.85 -52.48
N PRO E 202 -3.81 20.15 -53.51
CA PRO E 202 -5.28 20.25 -53.46
C PRO E 202 -6.03 18.96 -53.12
N ARG E 203 -5.33 17.83 -53.22
CA ARG E 203 -5.83 16.54 -52.80
C ARG E 203 -5.97 16.38 -51.28
N ASN E 204 -5.30 17.23 -50.52
CA ASN E 204 -5.31 17.09 -49.07
C ASN E 204 -6.47 17.75 -48.32
N HIS E 205 -7.06 17.00 -47.39
CA HIS E 205 -8.18 17.49 -46.58
C HIS E 205 -7.80 17.68 -45.10
N PHE E 206 -8.16 18.83 -44.54
CA PHE E 206 -7.88 19.17 -43.14
C PHE E 206 -9.16 19.36 -42.35
N ARG E 207 -9.26 18.72 -41.18
CA ARG E 207 -10.46 18.84 -40.38
C ARG E 207 -10.15 18.97 -38.90
N CYS E 208 -10.61 20.07 -38.33
CA CYS E 208 -10.54 20.29 -36.90
C CYS E 208 -11.80 19.75 -36.24
N GLN E 209 -11.65 19.00 -35.16
CA GLN E 209 -12.80 18.38 -34.51
C GLN E 209 -12.79 18.65 -32.99
N VAL E 210 -13.91 19.14 -32.46
CA VAL E 210 -14.06 19.38 -31.03
C VAL E 210 -15.20 18.56 -30.47
N GLN E 211 -14.88 17.61 -29.58
CA GLN E 211 -15.89 16.85 -28.90
C GLN E 211 -16.26 17.59 -27.63
N PHE E 212 -17.55 17.85 -27.47
CA PHE E 212 -18.06 18.63 -26.33
C PHE E 212 -18.90 17.74 -25.46
N TYR E 213 -18.77 17.92 -24.16
CA TYR E 213 -19.59 17.19 -23.22
C TYR E 213 -20.46 18.20 -22.51
N GLY E 214 -21.77 18.03 -22.67
CA GLY E 214 -22.70 18.91 -22.03
C GLY E 214 -23.82 18.07 -21.49
N LEU E 215 -25.01 18.29 -22.02
CA LEU E 215 -26.19 17.69 -21.44
C LEU E 215 -26.43 16.29 -21.93
N SER E 216 -27.17 15.54 -21.13
CA SER E 216 -27.73 14.26 -21.52
C SER E 216 -28.90 14.57 -22.46
N GLU E 217 -29.28 13.62 -23.30
CA GLU E 217 -30.42 13.88 -24.18
C GLU E 217 -31.81 13.72 -23.51
N ASN E 218 -31.84 13.58 -22.19
CA ASN E 218 -33.09 13.45 -21.43
C ASN E 218 -33.40 14.64 -20.54
N ASP E 219 -32.62 15.70 -20.68
CA ASP E 219 -32.74 16.81 -19.74
C ASP E 219 -33.76 17.87 -20.13
N GLU E 220 -34.15 18.65 -19.11
CA GLU E 220 -35.20 19.67 -19.21
C GLU E 220 -34.70 20.88 -20.01
N TRP E 221 -35.39 21.20 -21.10
CA TRP E 221 -35.01 22.34 -21.94
C TRP E 221 -36.19 23.12 -22.52
N THR E 222 -36.36 24.34 -22.01
CA THR E 222 -37.48 25.23 -22.38
C THR E 222 -37.02 26.32 -23.34
N GLN E 223 -35.70 26.47 -23.48
CA GLN E 223 -35.10 27.64 -24.13
C GLN E 223 -35.20 27.59 -25.66
N ASP E 224 -34.93 28.71 -26.32
CA ASP E 224 -35.15 28.82 -27.76
C ASP E 224 -34.00 28.32 -28.62
N ARG E 225 -32.79 28.32 -28.08
CA ARG E 225 -31.66 27.73 -28.82
C ARG E 225 -31.71 26.22 -28.74
N ALA E 226 -30.98 25.54 -29.63
CA ALA E 226 -30.94 24.09 -29.64
C ALA E 226 -30.32 23.60 -28.34
N LYS E 227 -30.92 22.55 -27.78
CA LYS E 227 -30.45 21.89 -26.56
C LYS E 227 -28.97 21.51 -26.70
N PRO E 228 -28.13 21.95 -25.74
CA PRO E 228 -26.69 21.73 -25.74
C PRO E 228 -26.29 20.35 -25.22
N VAL E 229 -26.63 19.34 -26.00
CA VAL E 229 -26.22 17.98 -25.74
C VAL E 229 -24.73 17.75 -26.00
N THR E 230 -24.22 16.66 -25.46
CA THR E 230 -22.93 16.09 -25.82
C THR E 230 -22.88 15.88 -27.33
N GLN E 231 -21.91 16.49 -28.01
CA GLN E 231 -21.87 16.45 -29.46
C GLN E 231 -20.49 16.71 -30.01
N ILE E 232 -20.32 16.47 -31.31
CA ILE E 232 -19.08 16.80 -32.01
C ILE E 232 -19.32 17.97 -32.96
N VAL E 233 -18.54 19.04 -32.85
CA VAL E 233 -18.65 20.14 -33.81
C VAL E 233 -17.32 20.29 -34.53
N SER E 234 -17.37 20.29 -35.87
CA SER E 234 -16.18 20.31 -36.73
C SER E 234 -16.16 21.46 -37.73
N ALA E 235 -14.96 21.82 -38.17
CA ALA E 235 -14.75 22.78 -39.25
C ALA E 235 -13.62 22.23 -40.11
N GLU E 236 -13.67 22.46 -41.41
CA GLU E 236 -12.73 21.83 -42.33
C GLU E 236 -11.98 22.76 -43.32
N ALA E 237 -11.01 22.19 -44.04
CA ALA E 237 -10.20 22.95 -45.01
C ALA E 237 -9.61 22.06 -46.09
N TRP E 238 -9.62 22.54 -47.32
CA TRP E 238 -9.02 21.81 -48.41
C TRP E 238 -7.79 22.55 -48.84
N GLY E 239 -6.81 21.80 -49.32
CA GLY E 239 -5.57 22.39 -49.79
C GLY E 239 -5.75 23.26 -51.03
N ARG E 240 -4.93 24.30 -51.12
CA ARG E 240 -5.03 25.27 -52.19
C ARG E 240 -3.63 25.56 -52.74
N ALA E 241 -3.44 25.39 -54.05
CA ALA E 241 -2.13 25.54 -54.72
C ALA E 241 -1.61 27.00 -54.95
N ASP E 242 -1.94 27.87 -54.01
CA ASP E 242 -1.45 29.26 -53.91
C ASP E 242 -1.55 29.74 -52.45
#